data_3CGR
# 
_entry.id   3CGR 
# 
_audit_conform.dict_name       mmcif_pdbx.dic 
_audit_conform.dict_version    5.389 
_audit_conform.dict_location   http://mmcif.pdb.org/dictionaries/ascii/mmcif_pdbx.dic 
# 
loop_
_database_2.database_id 
_database_2.database_code 
_database_2.pdbx_database_accession 
_database_2.pdbx_DOI 
PDB   3CGR         pdb_00003cgr 10.2210/pdb3cgr/pdb 
NDB   AR0095       ?            ?                   
RCSB  RCSB046757   ?            ?                   
WWPDB D_1000046757 ?            ?                   
# 
loop_
_pdbx_audit_revision_history.ordinal 
_pdbx_audit_revision_history.data_content_type 
_pdbx_audit_revision_history.major_revision 
_pdbx_audit_revision_history.minor_revision 
_pdbx_audit_revision_history.revision_date 
1 'Structure model' 1 0 2008-07-01 
2 'Structure model' 1 1 2011-07-13 
3 'Structure model' 1 2 2024-02-21 
4 'Structure model' 1 3 2024-04-03 
# 
_pdbx_audit_revision_details.ordinal             1 
_pdbx_audit_revision_details.revision_ordinal    1 
_pdbx_audit_revision_details.data_content_type   'Structure model' 
_pdbx_audit_revision_details.provider            repository 
_pdbx_audit_revision_details.type                'Initial release' 
_pdbx_audit_revision_details.description         ? 
_pdbx_audit_revision_details.details             ? 
# 
loop_
_pdbx_audit_revision_group.ordinal 
_pdbx_audit_revision_group.revision_ordinal 
_pdbx_audit_revision_group.data_content_type 
_pdbx_audit_revision_group.group 
1 2 'Structure model' 'Version format compliance' 
2 3 'Structure model' 'Data collection'           
3 3 'Structure model' 'Database references'       
4 3 'Structure model' 'Derived calculations'      
5 4 'Structure model' 'Refinement description'    
# 
loop_
_pdbx_audit_revision_category.ordinal 
_pdbx_audit_revision_category.revision_ordinal 
_pdbx_audit_revision_category.data_content_type 
_pdbx_audit_revision_category.category 
1 3 'Structure model' chem_comp_atom                
2 3 'Structure model' chem_comp_bond                
3 3 'Structure model' database_2                    
4 3 'Structure model' struct_conn                   
5 3 'Structure model' struct_ref_seq                
6 3 'Structure model' struct_site                   
7 4 'Structure model' pdbx_initial_refinement_model 
# 
loop_
_pdbx_audit_revision_item.ordinal 
_pdbx_audit_revision_item.revision_ordinal 
_pdbx_audit_revision_item.data_content_type 
_pdbx_audit_revision_item.item 
1 3 'Structure model' '_database_2.pdbx_DOI'                
2 3 'Structure model' '_database_2.pdbx_database_accession' 
3 3 'Structure model' '_struct_conn.pdbx_leaving_atom_flag' 
4 3 'Structure model' '_struct_ref_seq.db_align_beg'        
5 3 'Structure model' '_struct_ref_seq.db_align_end'        
6 3 'Structure model' '_struct_site.pdbx_auth_asym_id'      
7 3 'Structure model' '_struct_site.pdbx_auth_comp_id'      
8 3 'Structure model' '_struct_site.pdbx_auth_seq_id'       
# 
_pdbx_database_status.status_code                     REL 
_pdbx_database_status.entry_id                        3CGR 
_pdbx_database_status.recvd_initial_deposition_date   2008-03-06 
_pdbx_database_status.deposit_site                    RCSB 
_pdbx_database_status.process_site                    RCSB 
_pdbx_database_status.status_code_sf                  REL 
_pdbx_database_status.status_code_mr                  ? 
_pdbx_database_status.SG_entry                        ? 
_pdbx_database_status.pdb_format_compatible           Y 
_pdbx_database_status.status_code_cs                  ? 
_pdbx_database_status.status_code_nmr_data            ? 
_pdbx_database_status.methods_development_category    ? 
# 
loop_
_pdbx_database_related.db_name 
_pdbx_database_related.db_id 
_pdbx_database_related.details 
_pdbx_database_related.content_type 
PDB 3CGP . unspecified 
PDB 3CGQ . unspecified 
PDB 3CGS . unspecified 
# 
loop_
_audit_author.name 
_audit_author.pdbx_ordinal 
'Lin, Y.'        1 
'Kielkopf, C.L.' 2 
# 
_citation.id                        primary 
_citation.title                     'X-ray structures of U2 snRNA-branchpoint duplexes containing conserved pseudouridines.' 
_citation.journal_abbrev            Biochemistry 
_citation.journal_volume            47 
_citation.page_first                5503 
_citation.page_last                 5514 
_citation.year                      2008 
_citation.journal_id_ASTM           BICHAW 
_citation.country                   US 
_citation.journal_id_ISSN           0006-2960 
_citation.journal_id_CSD            0033 
_citation.book_publisher            ? 
_citation.pdbx_database_id_PubMed   18435545 
_citation.pdbx_database_id_DOI      10.1021/bi7022392 
# 
loop_
_citation_author.citation_id 
_citation_author.name 
_citation_author.ordinal 
_citation_author.identifier_ORCID 
primary 'Lin, Y.'        1 ? 
primary 'Kielkopf, C.L.' 2 ? 
# 
loop_
_entity.id 
_entity.type 
_entity.src_method 
_entity.pdbx_description 
_entity.formula_weight 
_entity.pdbx_number_of_molecules 
_entity.pdbx_ec 
_entity.pdbx_mutation 
_entity.pdbx_fragment 
_entity.details 
1 polymer     syn 
;RNA (5'-R(*GP*CP*GP*CP*GP*GP*(PSU)P*AP*GP*UP*GP*C)-3')
;
3883.360 1  ? ? ? ? 
2 polymer     syn 
;RNA (5'-R(*CP*GP*CP*AP*CP*UP*AP*AP*CP*CP*GP*CP*G)-3')
;
4115.534 1  ? ? ? ? 
3 non-polymer syn 'SULFATE ION'                                            96.063   1  ? ? ? ? 
4 water       nat water                                                    18.015   81 ? ? ? ? 
# 
loop_
_entity_poly.entity_id 
_entity_poly.type 
_entity_poly.nstd_linkage 
_entity_poly.nstd_monomer 
_entity_poly.pdbx_seq_one_letter_code 
_entity_poly.pdbx_seq_one_letter_code_can 
_entity_poly.pdbx_strand_id 
_entity_poly.pdbx_target_identifier 
1 polyribonucleotide no yes 'GCGCGG(PSU)AGUGC' GCGCGGUAGUGC  A ? 
2 polyribonucleotide no no  CGCACUAACCGCG      CGCACUAACCGCG B ? 
# 
loop_
_pdbx_entity_nonpoly.entity_id 
_pdbx_entity_nonpoly.name 
_pdbx_entity_nonpoly.comp_id 
3 'SULFATE ION' SO4 
4 water         HOH 
# 
loop_
_entity_poly_seq.entity_id 
_entity_poly_seq.num 
_entity_poly_seq.mon_id 
_entity_poly_seq.hetero 
1 1  G   n 
1 2  C   n 
1 3  G   n 
1 4  C   n 
1 5  G   n 
1 6  G   n 
1 7  PSU n 
1 8  A   n 
1 9  G   n 
1 10 U   n 
1 11 G   n 
1 12 C   n 
2 1  C   n 
2 2  G   n 
2 3  C   n 
2 4  A   n 
2 5  C   n 
2 6  U   n 
2 7  A   n 
2 8  A   n 
2 9  C   n 
2 10 C   n 
2 11 G   n 
2 12 C   n 
2 13 G   n 
# 
loop_
_pdbx_entity_src_syn.entity_id 
_pdbx_entity_src_syn.pdbx_src_id 
_pdbx_entity_src_syn.pdbx_alt_source_flag 
_pdbx_entity_src_syn.pdbx_beg_seq_num 
_pdbx_entity_src_syn.pdbx_end_seq_num 
_pdbx_entity_src_syn.organism_scientific 
_pdbx_entity_src_syn.organism_common_name 
_pdbx_entity_src_syn.ncbi_taxonomy_id 
_pdbx_entity_src_syn.details 
1 1 sample ? ? ? ? ? 'Central nucleotides of this sequence are highly conserved in yeast U2 snRNA'  
2 1 sample ? ? ? ? ? 'Central nucleotides of this sequence are highly conserved in yeast pre-mRNAs' 
# 
loop_
_chem_comp.id 
_chem_comp.type 
_chem_comp.mon_nstd_flag 
_chem_comp.name 
_chem_comp.pdbx_synonyms 
_chem_comp.formula 
_chem_comp.formula_weight 
A   'RNA linking' y "ADENOSINE-5'-MONOPHOSPHATE"     ? 'C10 H14 N5 O7 P' 347.221 
C   'RNA linking' y "CYTIDINE-5'-MONOPHOSPHATE"      ? 'C9 H14 N3 O8 P'  323.197 
G   'RNA linking' y "GUANOSINE-5'-MONOPHOSPHATE"     ? 'C10 H14 N5 O8 P' 363.221 
HOH non-polymer   . WATER                            ? 'H2 O'            18.015  
PSU 'RNA linking' n "PSEUDOURIDINE-5'-MONOPHOSPHATE" ? 'C9 H13 N2 O9 P'  324.181 
SO4 non-polymer   . 'SULFATE ION'                    ? 'O4 S -2'         96.063  
U   'RNA linking' y "URIDINE-5'-MONOPHOSPHATE"       ? 'C9 H13 N2 O9 P'  324.181 
# 
loop_
_pdbx_poly_seq_scheme.asym_id 
_pdbx_poly_seq_scheme.entity_id 
_pdbx_poly_seq_scheme.seq_id 
_pdbx_poly_seq_scheme.mon_id 
_pdbx_poly_seq_scheme.ndb_seq_num 
_pdbx_poly_seq_scheme.pdb_seq_num 
_pdbx_poly_seq_scheme.auth_seq_num 
_pdbx_poly_seq_scheme.pdb_mon_id 
_pdbx_poly_seq_scheme.auth_mon_id 
_pdbx_poly_seq_scheme.pdb_strand_id 
_pdbx_poly_seq_scheme.pdb_ins_code 
_pdbx_poly_seq_scheme.hetero 
A 1 1  G   1  1  1  G   G   A . n 
A 1 2  C   2  2  2  C   C   A . n 
A 1 3  G   3  3  3  G   G   A . n 
A 1 4  C   4  4  4  C   C   A . n 
A 1 5  G   5  5  5  G   G   A . n 
A 1 6  G   6  6  6  G   G   A . n 
A 1 7  PSU 7  7  7  PSU PSU A . n 
A 1 8  A   8  8  8  A   A   A . n 
A 1 9  G   9  9  9  G   G   A . n 
A 1 10 U   10 10 10 U   U   A . n 
A 1 11 G   11 11 11 G   G   A . n 
A 1 12 C   12 12 12 C   C   A . n 
B 2 1  C   1  13 13 C   C   B . n 
B 2 2  G   2  14 14 G   G   B . n 
B 2 3  C   3  15 15 C   C   B . n 
B 2 4  A   4  16 16 A   A   B . n 
B 2 5  C   5  17 17 C   C   B . n 
B 2 6  U   6  18 18 U   U   B . n 
B 2 7  A   7  19 19 A   A   B . n 
B 2 8  A   8  20 20 A   A   B . n 
B 2 9  C   9  21 21 C   C   B . n 
B 2 10 C   10 22 22 C   C   B . n 
B 2 11 G   11 23 23 G   G   B . n 
B 2 12 C   12 24 24 C   C   B . n 
B 2 13 G   13 25 25 G   G   B . n 
# 
loop_
_pdbx_nonpoly_scheme.asym_id 
_pdbx_nonpoly_scheme.entity_id 
_pdbx_nonpoly_scheme.mon_id 
_pdbx_nonpoly_scheme.ndb_seq_num 
_pdbx_nonpoly_scheme.pdb_seq_num 
_pdbx_nonpoly_scheme.auth_seq_num 
_pdbx_nonpoly_scheme.pdb_mon_id 
_pdbx_nonpoly_scheme.auth_mon_id 
_pdbx_nonpoly_scheme.pdb_strand_id 
_pdbx_nonpoly_scheme.pdb_ins_code 
C 3 SO4 1  13 1  SO4 SO4 A . 
D 4 HOH 1  14 1  HOH HOH A . 
D 4 HOH 2  15 2  HOH HOH A . 
D 4 HOH 3  16 4  HOH HOH A . 
D 4 HOH 4  17 5  HOH HOH A . 
D 4 HOH 5  18 7  HOH HOH A . 
D 4 HOH 6  19 10 HOH HOH A . 
D 4 HOH 7  20 13 HOH HOH A . 
D 4 HOH 8  21 15 HOH HOH A . 
D 4 HOH 9  22 16 HOH HOH A . 
D 4 HOH 10 23 17 HOH HOH A . 
D 4 HOH 11 24 18 HOH HOH A . 
D 4 HOH 12 25 20 HOH HOH A . 
D 4 HOH 13 26 21 HOH HOH A . 
D 4 HOH 14 27 22 HOH HOH A . 
D 4 HOH 15 28 25 HOH HOH A . 
D 4 HOH 16 29 27 HOH HOH A . 
D 4 HOH 17 30 32 HOH HOH A . 
D 4 HOH 18 31 35 HOH HOH A . 
D 4 HOH 19 32 36 HOH HOH A . 
D 4 HOH 20 33 37 HOH HOH A . 
D 4 HOH 21 34 38 HOH HOH A . 
D 4 HOH 22 35 39 HOH HOH A . 
D 4 HOH 23 36 41 HOH HOH A . 
D 4 HOH 24 37 42 HOH HOH A . 
D 4 HOH 25 38 43 HOH HOH A . 
D 4 HOH 26 39 46 HOH HOH A . 
D 4 HOH 27 40 47 HOH HOH A . 
D 4 HOH 28 41 49 HOH HOH A . 
D 4 HOH 29 42 53 HOH HOH A . 
D 4 HOH 30 43 55 HOH HOH A . 
D 4 HOH 31 44 58 HOH HOH A . 
D 4 HOH 32 45 63 HOH HOH A . 
D 4 HOH 33 46 70 HOH HOH A . 
D 4 HOH 34 47 72 HOH HOH A . 
D 4 HOH 35 48 74 HOH HOH A . 
D 4 HOH 36 50 76 HOH HOH A . 
D 4 HOH 37 51 79 HOH HOH A . 
D 4 HOH 38 52 80 HOH HOH A . 
D 4 HOH 39 53 81 HOH HOH A . 
E 4 HOH 1  49 75 HOH HOH B . 
E 4 HOH 2  50 3  HOH HOH B . 
E 4 HOH 3  51 6  HOH HOH B . 
E 4 HOH 4  52 8  HOH HOH B . 
E 4 HOH 5  53 9  HOH HOH B . 
E 4 HOH 6  54 11 HOH HOH B . 
E 4 HOH 7  55 12 HOH HOH B . 
E 4 HOH 8  56 14 HOH HOH B . 
E 4 HOH 9  57 19 HOH HOH B . 
E 4 HOH 10 58 23 HOH HOH B . 
E 4 HOH 11 59 24 HOH HOH B . 
E 4 HOH 12 60 26 HOH HOH B . 
E 4 HOH 13 61 28 HOH HOH B . 
E 4 HOH 14 62 29 HOH HOH B . 
E 4 HOH 15 63 30 HOH HOH B . 
E 4 HOH 16 64 31 HOH HOH B . 
E 4 HOH 17 65 33 HOH HOH B . 
E 4 HOH 18 66 34 HOH HOH B . 
E 4 HOH 19 67 40 HOH HOH B . 
E 4 HOH 20 68 44 HOH HOH B . 
E 4 HOH 21 69 45 HOH HOH B . 
E 4 HOH 22 70 48 HOH HOH B . 
E 4 HOH 23 71 50 HOH HOH B . 
E 4 HOH 24 72 51 HOH HOH B . 
E 4 HOH 25 73 52 HOH HOH B . 
E 4 HOH 26 74 54 HOH HOH B . 
E 4 HOH 27 75 56 HOH HOH B . 
E 4 HOH 28 76 57 HOH HOH B . 
E 4 HOH 29 77 59 HOH HOH B . 
E 4 HOH 30 78 60 HOH HOH B . 
E 4 HOH 31 79 61 HOH HOH B . 
E 4 HOH 32 80 62 HOH HOH B . 
E 4 HOH 33 81 64 HOH HOH B . 
E 4 HOH 34 82 65 HOH HOH B . 
E 4 HOH 35 83 66 HOH HOH B . 
E 4 HOH 36 84 67 HOH HOH B . 
E 4 HOH 37 85 68 HOH HOH B . 
E 4 HOH 38 86 69 HOH HOH B . 
E 4 HOH 39 87 71 HOH HOH B . 
E 4 HOH 40 88 73 HOH HOH B . 
E 4 HOH 41 89 77 HOH HOH B . 
E 4 HOH 42 90 78 HOH HOH B . 
# 
loop_
_software.name 
_software.classification 
_software.version 
_software.citation_id 
_software.pdbx_ordinal 
'PROTEUM PLUS' 'data collection' PLUS ? 1 
CNS            refinement        .    ? 2 
HKL-2000       'data reduction'  .    ? 3 
HKL-2000       'data scaling'    .    ? 4 
CNS            phasing           .    ? 5 
# 
_cell.entry_id           3CGR 
_cell.length_a           67.98 
_cell.length_b           40.47 
_cell.length_c           32.21 
_cell.angle_alpha        90.00 
_cell.angle_beta         95.20 
_cell.angle_gamma        90.00 
_cell.Z_PDB              4 
_cell.pdbx_unique_axis   ? 
_cell.length_a_esd       ? 
_cell.length_b_esd       ? 
_cell.length_c_esd       ? 
_cell.angle_alpha_esd    ? 
_cell.angle_beta_esd     ? 
_cell.angle_gamma_esd    ? 
# 
_symmetry.entry_id                         3CGR 
_symmetry.space_group_name_H-M             'C 1 2 1' 
_symmetry.pdbx_full_space_group_name_H-M   ? 
_symmetry.cell_setting                     ? 
_symmetry.Int_Tables_number                5 
_symmetry.space_group_name_Hall            ? 
# 
_exptl.entry_id          3CGR 
_exptl.method            'X-RAY DIFFRACTION' 
_exptl.crystals_number   1 
# 
_exptl_crystal.id                    1 
_exptl_crystal.density_meas          ? 
_exptl_crystal.density_Matthews      2.76 
_exptl_crystal.density_percent_sol   55.41 
_exptl_crystal.description           ? 
_exptl_crystal.F_000                 ? 
_exptl_crystal.preparation           ? 
# 
_exptl_crystal_grow.crystal_id      1 
_exptl_crystal_grow.method          'VAPOR DIFFUSION, HANGING DROP' 
_exptl_crystal_grow.temp            298.0 
_exptl_crystal_grow.temp_details    ? 
_exptl_crystal_grow.pH              6.5 
_exptl_crystal_grow.pdbx_details    '1M ammonium sulfate, pH 6.5, VAPOR DIFFUSION, HANGING DROP, temperature 298.0K' 
_exptl_crystal_grow.pdbx_pH_range   . 
# 
loop_
_exptl_crystal_grow_comp.crystal_id 
_exptl_crystal_grow_comp.id 
_exptl_crystal_grow_comp.sol_id 
_exptl_crystal_grow_comp.name 
_exptl_crystal_grow_comp.volume 
_exptl_crystal_grow_comp.conc 
_exptl_crystal_grow_comp.details 
1 1 1 'ammonium sulfate' ? ? ? 
1 2 2 'ammonium sulfate' ? ? ? 
# 
_diffrn.id                     1 
_diffrn.ambient_temp           100 
_diffrn.ambient_temp_details   ? 
_diffrn.crystal_id             1 
# 
_diffrn_detector.diffrn_id              1 
_diffrn_detector.detector               CCD 
_diffrn_detector.type                   ? 
_diffrn_detector.pdbx_collection_date   2006-01-10 
_diffrn_detector.details                ? 
# 
_diffrn_radiation.diffrn_id                        1 
_diffrn_radiation.wavelength_id                    1 
_diffrn_radiation.pdbx_monochromatic_or_laue_m_l   M 
_diffrn_radiation.monochromator                    ? 
_diffrn_radiation.pdbx_diffrn_protocol             'SINGLE WAVELENGTH' 
_diffrn_radiation.pdbx_scattering_type             x-ray 
# 
_diffrn_radiation_wavelength.id           1 
_diffrn_radiation_wavelength.wavelength   1.54 
_diffrn_radiation_wavelength.wt           1.0 
# 
_diffrn_source.diffrn_id                   1 
_diffrn_source.source                      'ROTATING ANODE' 
_diffrn_source.type                        'BRUKER AXS MICROSTAR' 
_diffrn_source.pdbx_synchrotron_site       ? 
_diffrn_source.pdbx_synchrotron_beamline   ? 
_diffrn_source.pdbx_wavelength             ? 
_diffrn_source.pdbx_wavelength_list        1.54 
# 
_reflns.entry_id                     3CGR 
_reflns.observed_criterion_sigma_F   0 
_reflns.observed_criterion_sigma_I   0 
_reflns.d_resolution_high            2.10 
_reflns.d_resolution_low             20.0 
_reflns.number_all                   5193 
_reflns.number_obs                   4759 
_reflns.percent_possible_obs         93.1 
_reflns.pdbx_Rmerge_I_obs            ? 
_reflns.pdbx_Rsym_value              0.119 
_reflns.pdbx_netI_over_sigmaI        12.0 
_reflns.B_iso_Wilson_estimate        ? 
_reflns.pdbx_redundancy              5.5 
_reflns.R_free_details               ? 
_reflns.pdbx_chi_squared             ? 
_reflns.pdbx_scaling_rejects         ? 
_reflns.pdbx_diffrn_id               1 
_reflns.pdbx_ordinal                 1 
# 
_reflns_shell.d_res_high             2.10 
_reflns_shell.d_res_low              2.18 
_reflns_shell.percent_possible_all   83.2 
_reflns_shell.Rmerge_I_obs           ? 
_reflns_shell.pdbx_Rsym_value        0.486 
_reflns_shell.meanI_over_sigI_obs    2.5 
_reflns_shell.pdbx_redundancy        1.7 
_reflns_shell.percent_possible_obs   ? 
_reflns_shell.number_unique_all      ? 
_reflns_shell.number_measured_all    ? 
_reflns_shell.number_measured_obs    ? 
_reflns_shell.number_unique_obs      ? 
_reflns_shell.pdbx_chi_squared       ? 
_reflns_shell.pdbx_diffrn_id         ? 
_reflns_shell.pdbx_ordinal           1 
# 
_refine.entry_id                                 3CGR 
_refine.ls_d_res_high                            2.10 
_refine.ls_d_res_low                             20.0 
_refine.pdbx_ls_sigma_F                          0 
_refine.pdbx_ls_sigma_I                          0 
_refine.ls_number_reflns_all                     4759 
_refine.ls_number_reflns_obs                     4627 
_refine.ls_number_reflns_R_free                  172 
_refine.ls_percent_reflns_obs                    93.1 
_refine.ls_R_factor_all                          0.2415 
_refine.ls_R_factor_obs                          0.2415 
_refine.ls_R_factor_R_work                       0.2379 
_refine.ls_R_factor_R_free                       0.2474 
_refine.ls_redundancy_reflns_obs                 ? 
_refine.pdbx_data_cutoff_high_absF               ? 
_refine.pdbx_data_cutoff_low_absF                ? 
_refine.ls_number_parameters                     ? 
_refine.ls_number_restraints                     ? 
_refine.ls_percent_reflns_R_free                 ? 
_refine.ls_R_factor_R_free_error                 ? 
_refine.ls_R_factor_R_free_error_details         ? 
_refine.pdbx_method_to_determine_struct          'MOLECULAR REPLACEMENT' 
_refine.pdbx_starting_model                      'our previously solved RNA duplex' 
_refine.pdbx_ls_cross_valid_method               THROUGHOUT 
_refine.pdbx_R_Free_selection_details            random 
_refine.pdbx_stereochem_target_val_spec_case     ? 
_refine.pdbx_stereochemistry_target_values       'Engh & Huber' 
_refine.solvent_model_details                    ? 
_refine.solvent_model_param_bsol                 ? 
_refine.solvent_model_param_ksol                 ? 
_refine.occupancy_max                            ? 
_refine.occupancy_min                            ? 
_refine.pdbx_isotropic_thermal_model             ? 
_refine.B_iso_mean                               26.8 
_refine.aniso_B[1][1]                            ? 
_refine.aniso_B[1][2]                            ? 
_refine.aniso_B[1][3]                            ? 
_refine.aniso_B[2][2]                            ? 
_refine.aniso_B[2][3]                            ? 
_refine.aniso_B[3][3]                            ? 
_refine.details                                  ? 
_refine.correlation_coeff_Fo_to_Fc               ? 
_refine.correlation_coeff_Fo_to_Fc_free          ? 
_refine.pdbx_solvent_vdw_probe_radii             ? 
_refine.pdbx_solvent_ion_probe_radii             ? 
_refine.pdbx_solvent_shrinkage_radii             ? 
_refine.overall_SU_R_Cruickshank_DPI             ? 
_refine.overall_SU_R_free                        ? 
_refine.overall_SU_ML                            ? 
_refine.overall_SU_B                             ? 
_refine.pdbx_overall_ESU_R_Free                  ? 
_refine.pdbx_data_cutoff_high_rms_absF           ? 
_refine.pdbx_overall_ESU_R                       ? 
_refine.ls_wR_factor_R_free                      ? 
_refine.ls_wR_factor_R_work                      ? 
_refine.overall_FOM_free_R_set                   ? 
_refine.overall_FOM_work_R_set                   ? 
_refine.pdbx_overall_phase_error                 ? 
_refine.pdbx_refine_id                           'X-RAY DIFFRACTION' 
_refine.pdbx_diffrn_id                           1 
_refine.pdbx_TLS_residual_ADP_flag               ? 
_refine.pdbx_overall_SU_R_free_Cruickshank_DPI   ? 
_refine.pdbx_overall_SU_R_Blow_DPI               ? 
_refine.pdbx_overall_SU_R_free_Blow_DPI          ? 
# 
_refine_analyze.entry_id                        3CGR 
_refine_analyze.Luzzati_coordinate_error_obs    0.36 
_refine_analyze.Luzzati_sigma_a_obs             0.57 
_refine_analyze.Luzzati_d_res_low_obs           5.0 
_refine_analyze.Luzzati_coordinate_error_free   ? 
_refine_analyze.Luzzati_sigma_a_free            ? 
_refine_analyze.Luzzati_d_res_low_free          ? 
_refine_analyze.number_disordered_residues      ? 
_refine_analyze.occupancy_sum_non_hydrogen      ? 
_refine_analyze.occupancy_sum_hydrogen          ? 
_refine_analyze.pdbx_refine_id                  'X-RAY DIFFRACTION' 
# 
_refine_hist.pdbx_refine_id                   'X-RAY DIFFRACTION' 
_refine_hist.cycle_id                         LAST 
_refine_hist.pdbx_number_atoms_protein        0 
_refine_hist.pdbx_number_atoms_nucleic_acid   529 
_refine_hist.pdbx_number_atoms_ligand         5 
_refine_hist.number_atoms_solvent             81 
_refine_hist.number_atoms_total               615 
_refine_hist.d_res_high                       2.10 
_refine_hist.d_res_low                        20.0 
# 
loop_
_refine_ls_restr.type 
_refine_ls_restr.dev_ideal 
_refine_ls_restr.dev_ideal_target 
_refine_ls_restr.weight 
_refine_ls_restr.number 
_refine_ls_restr.pdbx_refine_id 
_refine_ls_restr.pdbx_restraint_function 
c_bond_d    0.005 ? ? ? 'X-RAY DIFFRACTION' ? 
c_angle_deg 0.96  ? ? ? 'X-RAY DIFFRACTION' ? 
# 
_struct.entry_id                  3CGR 
_struct.title                     
'X-ray structure containing the pseudouridylated U2 snRNA and intron branch site consensus sequences' 
_struct.pdbx_model_details        ? 
_struct.pdbx_CASP_flag            ? 
_struct.pdbx_model_type_details   ? 
# 
_struct_keywords.entry_id        3CGR 
_struct_keywords.pdbx_keywords   RNA 
_struct_keywords.text            'RNA double helix, Branchpoint sequence, BPS, U2 snRNA, pseudouridine, pre-mRNA splicing, RNA' 
# 
loop_
_struct_asym.id 
_struct_asym.pdbx_blank_PDB_chainid_flag 
_struct_asym.pdbx_modified 
_struct_asym.entity_id 
_struct_asym.details 
A N N 1 ? 
B N N 2 ? 
C N N 3 ? 
D N N 4 ? 
E N N 4 ? 
# 
loop_
_struct_ref.entity_id 
_struct_ref.pdbx_db_accession 
_struct_ref.db_code 
_struct_ref.db_name 
_struct_ref.id 
_struct_ref.pdbx_align_begin 
_struct_ref.pdbx_seq_one_letter_code 
_struct_ref.pdbx_db_isoform 
1 3CGR 3CGR PDB 1 1 GCGCGGUAGUGC  ? 
2 3CGR 3CGR PDB 2 1 CGCACUAACCGCG ? 
# 
loop_
_struct_ref_seq.align_id 
_struct_ref_seq.ref_id 
_struct_ref_seq.pdbx_PDB_id_code 
_struct_ref_seq.pdbx_strand_id 
_struct_ref_seq.seq_align_beg 
_struct_ref_seq.pdbx_seq_align_beg_ins_code 
_struct_ref_seq.seq_align_end 
_struct_ref_seq.pdbx_seq_align_end_ins_code 
_struct_ref_seq.pdbx_db_accession 
_struct_ref_seq.db_align_beg 
_struct_ref_seq.pdbx_db_align_beg_ins_code 
_struct_ref_seq.db_align_end 
_struct_ref_seq.pdbx_db_align_end_ins_code 
_struct_ref_seq.pdbx_auth_seq_align_beg 
_struct_ref_seq.pdbx_auth_seq_align_end 
1 1 3CGR A 1 ? 12 ? 3CGR 1  ? 12 ? 1  12 
2 2 3CGR B 1 ? 13 ? 3CGR 13 ? 25 ? 13 25 
# 
_pdbx_struct_assembly.id                   1 
_pdbx_struct_assembly.details              author_and_software_defined_assembly 
_pdbx_struct_assembly.method_details       PISA 
_pdbx_struct_assembly.oligomeric_details   dimeric 
_pdbx_struct_assembly.oligomeric_count     2 
# 
loop_
_pdbx_struct_assembly_prop.biol_id 
_pdbx_struct_assembly_prop.type 
_pdbx_struct_assembly_prop.value 
_pdbx_struct_assembly_prop.details 
1 'ABSA (A^2)' 1820 ? 
1 MORE         -5.9 ? 
1 'SSA (A^2)'  4780 ? 
# 
_pdbx_struct_assembly_gen.assembly_id       1 
_pdbx_struct_assembly_gen.oper_expression   1 
_pdbx_struct_assembly_gen.asym_id_list      A,B,C,D,E 
# 
_pdbx_struct_oper_list.id                   1 
_pdbx_struct_oper_list.type                 'identity operation' 
_pdbx_struct_oper_list.name                 1_555 
_pdbx_struct_oper_list.symmetry_operation   x,y,z 
_pdbx_struct_oper_list.matrix[1][1]         1.0000000000 
_pdbx_struct_oper_list.matrix[1][2]         0.0000000000 
_pdbx_struct_oper_list.matrix[1][3]         0.0000000000 
_pdbx_struct_oper_list.vector[1]            0.0000000000 
_pdbx_struct_oper_list.matrix[2][1]         0.0000000000 
_pdbx_struct_oper_list.matrix[2][2]         1.0000000000 
_pdbx_struct_oper_list.matrix[2][3]         0.0000000000 
_pdbx_struct_oper_list.vector[2]            0.0000000000 
_pdbx_struct_oper_list.matrix[3][1]         0.0000000000 
_pdbx_struct_oper_list.matrix[3][2]         0.0000000000 
_pdbx_struct_oper_list.matrix[3][3]         1.0000000000 
_pdbx_struct_oper_list.vector[3]            0.0000000000 
# 
_struct_biol.id        1 
_struct_biol.details   ? 
# 
loop_
_struct_conn.id 
_struct_conn.conn_type_id 
_struct_conn.pdbx_leaving_atom_flag 
_struct_conn.pdbx_PDB_id 
_struct_conn.ptnr1_label_asym_id 
_struct_conn.ptnr1_label_comp_id 
_struct_conn.ptnr1_label_seq_id 
_struct_conn.ptnr1_label_atom_id 
_struct_conn.pdbx_ptnr1_label_alt_id 
_struct_conn.pdbx_ptnr1_PDB_ins_code 
_struct_conn.pdbx_ptnr1_standard_comp_id 
_struct_conn.ptnr1_symmetry 
_struct_conn.ptnr2_label_asym_id 
_struct_conn.ptnr2_label_comp_id 
_struct_conn.ptnr2_label_seq_id 
_struct_conn.ptnr2_label_atom_id 
_struct_conn.pdbx_ptnr2_label_alt_id 
_struct_conn.pdbx_ptnr2_PDB_ins_code 
_struct_conn.ptnr1_auth_asym_id 
_struct_conn.ptnr1_auth_comp_id 
_struct_conn.ptnr1_auth_seq_id 
_struct_conn.ptnr2_auth_asym_id 
_struct_conn.ptnr2_auth_comp_id 
_struct_conn.ptnr2_auth_seq_id 
_struct_conn.ptnr2_symmetry 
_struct_conn.pdbx_ptnr3_label_atom_id 
_struct_conn.pdbx_ptnr3_label_seq_id 
_struct_conn.pdbx_ptnr3_label_comp_id 
_struct_conn.pdbx_ptnr3_label_asym_id 
_struct_conn.pdbx_ptnr3_label_alt_id 
_struct_conn.pdbx_ptnr3_PDB_ins_code 
_struct_conn.details 
_struct_conn.pdbx_dist_value 
_struct_conn.pdbx_value_order 
_struct_conn.pdbx_role 
covale1  covale both ? A G   6  "O3'" ? ? ? 1_555 A PSU 7  P  ? ? A G   6  A PSU 7  1_555 ? ? ? ? ? ? ?                       
1.610 ? ? 
covale2  covale both ? A PSU 7  "O3'" ? ? ? 1_555 A A   8  P  ? ? A PSU 7  A A   8  1_555 ? ? ? ? ? ? ?                       
1.601 ? ? 
hydrog1  hydrog ?    ? A C   2  N3    ? ? ? 1_555 B G   13 N1 ? ? A C   2  B G   25 1_555 ? ? ? ? ? ? WATSON-CRICK            ? ? 
? 
hydrog2  hydrog ?    ? A C   2  N4    ? ? ? 1_555 B G   13 O6 ? ? A C   2  B G   25 1_555 ? ? ? ? ? ? WATSON-CRICK            ? ? 
? 
hydrog3  hydrog ?    ? A C   2  O2    ? ? ? 1_555 B G   13 N2 ? ? A C   2  B G   25 1_555 ? ? ? ? ? ? WATSON-CRICK            ? ? 
? 
hydrog4  hydrog ?    ? A G   3  N1    ? ? ? 1_555 B C   12 N3 ? ? A G   3  B C   24 1_555 ? ? ? ? ? ? WATSON-CRICK            ? ? 
? 
hydrog5  hydrog ?    ? A G   3  N2    ? ? ? 1_555 B C   12 O2 ? ? A G   3  B C   24 1_555 ? ? ? ? ? ? WATSON-CRICK            ? ? 
? 
hydrog6  hydrog ?    ? A G   3  O6    ? ? ? 1_555 B C   12 N4 ? ? A G   3  B C   24 1_555 ? ? ? ? ? ? WATSON-CRICK            ? ? 
? 
hydrog7  hydrog ?    ? A C   4  N3    ? ? ? 1_555 B G   11 N1 ? ? A C   4  B G   23 1_555 ? ? ? ? ? ? WATSON-CRICK            ? ? 
? 
hydrog8  hydrog ?    ? A C   4  N4    ? ? ? 1_555 B G   11 O6 ? ? A C   4  B G   23 1_555 ? ? ? ? ? ? WATSON-CRICK            ? ? 
? 
hydrog9  hydrog ?    ? A C   4  O2    ? ? ? 1_555 B G   11 N2 ? ? A C   4  B G   23 1_555 ? ? ? ? ? ? WATSON-CRICK            ? ? 
? 
hydrog10 hydrog ?    ? A G   5  N1    ? ? ? 1_555 B C   10 N3 ? ? A G   5  B C   22 1_555 ? ? ? ? ? ? WATSON-CRICK            ? ? 
? 
hydrog11 hydrog ?    ? A G   5  N2    ? ? ? 1_555 B C   10 O2 ? ? A G   5  B C   22 1_555 ? ? ? ? ? ? WATSON-CRICK            ? ? 
? 
hydrog12 hydrog ?    ? A G   5  O6    ? ? ? 1_555 B C   10 N4 ? ? A G   5  B C   22 1_555 ? ? ? ? ? ? WATSON-CRICK            ? ? 
? 
hydrog13 hydrog ?    ? A G   6  N1    ? ? ? 1_555 B C   9  N3 ? ? A G   6  B C   21 1_555 ? ? ? ? ? ? WATSON-CRICK            ? ? 
? 
hydrog14 hydrog ?    ? A G   6  N2    ? ? ? 1_555 B C   9  O2 ? ? A G   6  B C   21 1_555 ? ? ? ? ? ? WATSON-CRICK            ? ? 
? 
hydrog15 hydrog ?    ? A G   6  O6    ? ? ? 1_555 B C   9  N4 ? ? A G   6  B C   21 1_555 ? ? ? ? ? ? WATSON-CRICK            ? ? 
? 
hydrog16 hydrog ?    ? A PSU 7  N3    ? ? ? 1_555 B A   7  N1 ? ? A PSU 7  B A   19 1_555 ? ? ? ? ? ? 'REVERSED WATSON-CRICK' ? ? 
? 
hydrog17 hydrog ?    ? A PSU 7  O2    ? ? ? 1_555 B A   7  N6 ? ? A PSU 7  B A   19 1_555 ? ? ? ? ? ? 'REVERSED WATSON-CRICK' ? ? 
? 
hydrog18 hydrog ?    ? A A   8  N1    ? ? ? 1_555 B U   6  N3 ? ? A A   8  B U   18 1_555 ? ? ? ? ? ? WATSON-CRICK            ? ? 
? 
hydrog19 hydrog ?    ? A A   8  N6    ? ? ? 1_555 B U   6  O4 ? ? A A   8  B U   18 1_555 ? ? ? ? ? ? WATSON-CRICK            ? ? 
? 
hydrog20 hydrog ?    ? A G   9  N1    ? ? ? 1_555 B C   5  N3 ? ? A G   9  B C   17 1_555 ? ? ? ? ? ? WATSON-CRICK            ? ? 
? 
hydrog21 hydrog ?    ? A G   9  N2    ? ? ? 1_555 B C   5  O2 ? ? A G   9  B C   17 1_555 ? ? ? ? ? ? WATSON-CRICK            ? ? 
? 
hydrog22 hydrog ?    ? A G   9  O6    ? ? ? 1_555 B C   5  N4 ? ? A G   9  B C   17 1_555 ? ? ? ? ? ? WATSON-CRICK            ? ? 
? 
hydrog23 hydrog ?    ? A U   10 N3    ? ? ? 1_555 B A   4  N1 ? ? A U   10 B A   16 1_555 ? ? ? ? ? ? WATSON-CRICK            ? ? 
? 
hydrog24 hydrog ?    ? A U   10 O4    ? ? ? 1_555 B A   4  N6 ? ? A U   10 B A   16 1_555 ? ? ? ? ? ? WATSON-CRICK            ? ? 
? 
hydrog25 hydrog ?    ? A G   11 N1    ? ? ? 1_555 B C   3  N3 ? ? A G   11 B C   15 1_555 ? ? ? ? ? ? WATSON-CRICK            ? ? 
? 
hydrog26 hydrog ?    ? A G   11 N2    ? ? ? 1_555 B C   3  O2 ? ? A G   11 B C   15 1_555 ? ? ? ? ? ? WATSON-CRICK            ? ? 
? 
hydrog27 hydrog ?    ? A G   11 O6    ? ? ? 1_555 B C   3  N4 ? ? A G   11 B C   15 1_555 ? ? ? ? ? ? WATSON-CRICK            ? ? 
? 
hydrog28 hydrog ?    ? A C   12 N3    ? ? ? 1_555 B G   2  N1 ? ? A C   12 B G   14 1_555 ? ? ? ? ? ? WATSON-CRICK            ? ? 
? 
hydrog29 hydrog ?    ? A C   12 N4    ? ? ? 1_555 B G   2  O6 ? ? A C   12 B G   14 1_555 ? ? ? ? ? ? WATSON-CRICK            ? ? 
? 
hydrog30 hydrog ?    ? A C   12 O2    ? ? ? 1_555 B G   2  N2 ? ? A C   12 B G   14 1_555 ? ? ? ? ? ? WATSON-CRICK            ? ? 
? 
# 
loop_
_struct_conn_type.id 
_struct_conn_type.criteria 
_struct_conn_type.reference 
covale ? ? 
hydrog ? ? 
# 
_struct_site.id                   AC1 
_struct_site.pdbx_evidence_code   Software 
_struct_site.pdbx_auth_asym_id    A 
_struct_site.pdbx_auth_comp_id    SO4 
_struct_site.pdbx_auth_seq_id     13 
_struct_site.pdbx_auth_ins_code   ? 
_struct_site.pdbx_num_residues    1 
_struct_site.details              'BINDING SITE FOR RESIDUE SO4 A 13' 
# 
_struct_site_gen.id                   1 
_struct_site_gen.site_id              AC1 
_struct_site_gen.pdbx_num_res         1 
_struct_site_gen.label_comp_id        HOH 
_struct_site_gen.label_asym_id        D 
_struct_site_gen.label_seq_id         . 
_struct_site_gen.pdbx_auth_ins_code   ? 
_struct_site_gen.auth_comp_id         HOH 
_struct_site_gen.auth_asym_id         A 
_struct_site_gen.auth_seq_id          40 
_struct_site_gen.label_atom_id        . 
_struct_site_gen.label_alt_id         ? 
_struct_site_gen.symmetry             1_555 
_struct_site_gen.details              ? 
# 
_pdbx_struct_mod_residue.id               1 
_pdbx_struct_mod_residue.label_asym_id    A 
_pdbx_struct_mod_residue.label_comp_id    PSU 
_pdbx_struct_mod_residue.label_seq_id     7 
_pdbx_struct_mod_residue.auth_asym_id     A 
_pdbx_struct_mod_residue.auth_comp_id     PSU 
_pdbx_struct_mod_residue.auth_seq_id      7 
_pdbx_struct_mod_residue.PDB_ins_code     ? 
_pdbx_struct_mod_residue.parent_comp_id   U 
_pdbx_struct_mod_residue.details          "PSEUDOURIDINE-5'-MONOPHOSPHATE" 
# 
loop_
_chem_comp_atom.comp_id 
_chem_comp_atom.atom_id 
_chem_comp_atom.type_symbol 
_chem_comp_atom.pdbx_aromatic_flag 
_chem_comp_atom.pdbx_stereo_config 
_chem_comp_atom.pdbx_ordinal 
A   OP3    O N N 1   
A   P      P N N 2   
A   OP1    O N N 3   
A   OP2    O N N 4   
A   "O5'"  O N N 5   
A   "C5'"  C N N 6   
A   "C4'"  C N R 7   
A   "O4'"  O N N 8   
A   "C3'"  C N S 9   
A   "O3'"  O N N 10  
A   "C2'"  C N R 11  
A   "O2'"  O N N 12  
A   "C1'"  C N R 13  
A   N9     N Y N 14  
A   C8     C Y N 15  
A   N7     N Y N 16  
A   C5     C Y N 17  
A   C6     C Y N 18  
A   N6     N N N 19  
A   N1     N Y N 20  
A   C2     C Y N 21  
A   N3     N Y N 22  
A   C4     C Y N 23  
A   HOP3   H N N 24  
A   HOP2   H N N 25  
A   "H5'"  H N N 26  
A   "H5''" H N N 27  
A   "H4'"  H N N 28  
A   "H3'"  H N N 29  
A   "HO3'" H N N 30  
A   "H2'"  H N N 31  
A   "HO2'" H N N 32  
A   "H1'"  H N N 33  
A   H8     H N N 34  
A   H61    H N N 35  
A   H62    H N N 36  
A   H2     H N N 37  
C   OP3    O N N 38  
C   P      P N N 39  
C   OP1    O N N 40  
C   OP2    O N N 41  
C   "O5'"  O N N 42  
C   "C5'"  C N N 43  
C   "C4'"  C N R 44  
C   "O4'"  O N N 45  
C   "C3'"  C N S 46  
C   "O3'"  O N N 47  
C   "C2'"  C N R 48  
C   "O2'"  O N N 49  
C   "C1'"  C N R 50  
C   N1     N N N 51  
C   C2     C N N 52  
C   O2     O N N 53  
C   N3     N N N 54  
C   C4     C N N 55  
C   N4     N N N 56  
C   C5     C N N 57  
C   C6     C N N 58  
C   HOP3   H N N 59  
C   HOP2   H N N 60  
C   "H5'"  H N N 61  
C   "H5''" H N N 62  
C   "H4'"  H N N 63  
C   "H3'"  H N N 64  
C   "HO3'" H N N 65  
C   "H2'"  H N N 66  
C   "HO2'" H N N 67  
C   "H1'"  H N N 68  
C   H41    H N N 69  
C   H42    H N N 70  
C   H5     H N N 71  
C   H6     H N N 72  
G   OP3    O N N 73  
G   P      P N N 74  
G   OP1    O N N 75  
G   OP2    O N N 76  
G   "O5'"  O N N 77  
G   "C5'"  C N N 78  
G   "C4'"  C N R 79  
G   "O4'"  O N N 80  
G   "C3'"  C N S 81  
G   "O3'"  O N N 82  
G   "C2'"  C N R 83  
G   "O2'"  O N N 84  
G   "C1'"  C N R 85  
G   N9     N Y N 86  
G   C8     C Y N 87  
G   N7     N Y N 88  
G   C5     C Y N 89  
G   C6     C N N 90  
G   O6     O N N 91  
G   N1     N N N 92  
G   C2     C N N 93  
G   N2     N N N 94  
G   N3     N N N 95  
G   C4     C Y N 96  
G   HOP3   H N N 97  
G   HOP2   H N N 98  
G   "H5'"  H N N 99  
G   "H5''" H N N 100 
G   "H4'"  H N N 101 
G   "H3'"  H N N 102 
G   "HO3'" H N N 103 
G   "H2'"  H N N 104 
G   "HO2'" H N N 105 
G   "H1'"  H N N 106 
G   H8     H N N 107 
G   H1     H N N 108 
G   H21    H N N 109 
G   H22    H N N 110 
HOH O      O N N 111 
HOH H1     H N N 112 
HOH H2     H N N 113 
PSU N1     N N N 114 
PSU C2     C N N 115 
PSU N3     N N N 116 
PSU C4     C N N 117 
PSU C5     C N N 118 
PSU C6     C N N 119 
PSU O2     O N N 120 
PSU O4     O N N 121 
PSU "C1'"  C N S 122 
PSU "C2'"  C N R 123 
PSU "O2'"  O N N 124 
PSU "C3'"  C N S 125 
PSU "C4'"  C N R 126 
PSU "O3'"  O N N 127 
PSU "O4'"  O N N 128 
PSU "C5'"  C N N 129 
PSU "O5'"  O N N 130 
PSU P      P N N 131 
PSU OP1    O N N 132 
PSU OP2    O N N 133 
PSU OP3    O N N 134 
PSU HN1    H N N 135 
PSU HN3    H N N 136 
PSU H6     H N N 137 
PSU "H1'"  H N N 138 
PSU "H2'"  H N N 139 
PSU "HO2'" H N N 140 
PSU "H3'"  H N N 141 
PSU "H4'"  H N N 142 
PSU "HO3'" H N N 143 
PSU "H5'"  H N N 144 
PSU "H5''" H N N 145 
PSU HOP2   H N N 146 
PSU HOP3   H N N 147 
SO4 S      S N N 148 
SO4 O1     O N N 149 
SO4 O2     O N N 150 
SO4 O3     O N N 151 
SO4 O4     O N N 152 
U   OP3    O N N 153 
U   P      P N N 154 
U   OP1    O N N 155 
U   OP2    O N N 156 
U   "O5'"  O N N 157 
U   "C5'"  C N N 158 
U   "C4'"  C N R 159 
U   "O4'"  O N N 160 
U   "C3'"  C N S 161 
U   "O3'"  O N N 162 
U   "C2'"  C N R 163 
U   "O2'"  O N N 164 
U   "C1'"  C N R 165 
U   N1     N N N 166 
U   C2     C N N 167 
U   O2     O N N 168 
U   N3     N N N 169 
U   C4     C N N 170 
U   O4     O N N 171 
U   C5     C N N 172 
U   C6     C N N 173 
U   HOP3   H N N 174 
U   HOP2   H N N 175 
U   "H5'"  H N N 176 
U   "H5''" H N N 177 
U   "H4'"  H N N 178 
U   "H3'"  H N N 179 
U   "HO3'" H N N 180 
U   "H2'"  H N N 181 
U   "HO2'" H N N 182 
U   "H1'"  H N N 183 
U   H3     H N N 184 
U   H5     H N N 185 
U   H6     H N N 186 
# 
loop_
_chem_comp_bond.comp_id 
_chem_comp_bond.atom_id_1 
_chem_comp_bond.atom_id_2 
_chem_comp_bond.value_order 
_chem_comp_bond.pdbx_aromatic_flag 
_chem_comp_bond.pdbx_stereo_config 
_chem_comp_bond.pdbx_ordinal 
A   OP3   P      sing N N 1   
A   OP3   HOP3   sing N N 2   
A   P     OP1    doub N N 3   
A   P     OP2    sing N N 4   
A   P     "O5'"  sing N N 5   
A   OP2   HOP2   sing N N 6   
A   "O5'" "C5'"  sing N N 7   
A   "C5'" "C4'"  sing N N 8   
A   "C5'" "H5'"  sing N N 9   
A   "C5'" "H5''" sing N N 10  
A   "C4'" "O4'"  sing N N 11  
A   "C4'" "C3'"  sing N N 12  
A   "C4'" "H4'"  sing N N 13  
A   "O4'" "C1'"  sing N N 14  
A   "C3'" "O3'"  sing N N 15  
A   "C3'" "C2'"  sing N N 16  
A   "C3'" "H3'"  sing N N 17  
A   "O3'" "HO3'" sing N N 18  
A   "C2'" "O2'"  sing N N 19  
A   "C2'" "C1'"  sing N N 20  
A   "C2'" "H2'"  sing N N 21  
A   "O2'" "HO2'" sing N N 22  
A   "C1'" N9     sing N N 23  
A   "C1'" "H1'"  sing N N 24  
A   N9    C8     sing Y N 25  
A   N9    C4     sing Y N 26  
A   C8    N7     doub Y N 27  
A   C8    H8     sing N N 28  
A   N7    C5     sing Y N 29  
A   C5    C6     sing Y N 30  
A   C5    C4     doub Y N 31  
A   C6    N6     sing N N 32  
A   C6    N1     doub Y N 33  
A   N6    H61    sing N N 34  
A   N6    H62    sing N N 35  
A   N1    C2     sing Y N 36  
A   C2    N3     doub Y N 37  
A   C2    H2     sing N N 38  
A   N3    C4     sing Y N 39  
C   OP3   P      sing N N 40  
C   OP3   HOP3   sing N N 41  
C   P     OP1    doub N N 42  
C   P     OP2    sing N N 43  
C   P     "O5'"  sing N N 44  
C   OP2   HOP2   sing N N 45  
C   "O5'" "C5'"  sing N N 46  
C   "C5'" "C4'"  sing N N 47  
C   "C5'" "H5'"  sing N N 48  
C   "C5'" "H5''" sing N N 49  
C   "C4'" "O4'"  sing N N 50  
C   "C4'" "C3'"  sing N N 51  
C   "C4'" "H4'"  sing N N 52  
C   "O4'" "C1'"  sing N N 53  
C   "C3'" "O3'"  sing N N 54  
C   "C3'" "C2'"  sing N N 55  
C   "C3'" "H3'"  sing N N 56  
C   "O3'" "HO3'" sing N N 57  
C   "C2'" "O2'"  sing N N 58  
C   "C2'" "C1'"  sing N N 59  
C   "C2'" "H2'"  sing N N 60  
C   "O2'" "HO2'" sing N N 61  
C   "C1'" N1     sing N N 62  
C   "C1'" "H1'"  sing N N 63  
C   N1    C2     sing N N 64  
C   N1    C6     sing N N 65  
C   C2    O2     doub N N 66  
C   C2    N3     sing N N 67  
C   N3    C4     doub N N 68  
C   C4    N4     sing N N 69  
C   C4    C5     sing N N 70  
C   N4    H41    sing N N 71  
C   N4    H42    sing N N 72  
C   C5    C6     doub N N 73  
C   C5    H5     sing N N 74  
C   C6    H6     sing N N 75  
G   OP3   P      sing N N 76  
G   OP3   HOP3   sing N N 77  
G   P     OP1    doub N N 78  
G   P     OP2    sing N N 79  
G   P     "O5'"  sing N N 80  
G   OP2   HOP2   sing N N 81  
G   "O5'" "C5'"  sing N N 82  
G   "C5'" "C4'"  sing N N 83  
G   "C5'" "H5'"  sing N N 84  
G   "C5'" "H5''" sing N N 85  
G   "C4'" "O4'"  sing N N 86  
G   "C4'" "C3'"  sing N N 87  
G   "C4'" "H4'"  sing N N 88  
G   "O4'" "C1'"  sing N N 89  
G   "C3'" "O3'"  sing N N 90  
G   "C3'" "C2'"  sing N N 91  
G   "C3'" "H3'"  sing N N 92  
G   "O3'" "HO3'" sing N N 93  
G   "C2'" "O2'"  sing N N 94  
G   "C2'" "C1'"  sing N N 95  
G   "C2'" "H2'"  sing N N 96  
G   "O2'" "HO2'" sing N N 97  
G   "C1'" N9     sing N N 98  
G   "C1'" "H1'"  sing N N 99  
G   N9    C8     sing Y N 100 
G   N9    C4     sing Y N 101 
G   C8    N7     doub Y N 102 
G   C8    H8     sing N N 103 
G   N7    C5     sing Y N 104 
G   C5    C6     sing N N 105 
G   C5    C4     doub Y N 106 
G   C6    O6     doub N N 107 
G   C6    N1     sing N N 108 
G   N1    C2     sing N N 109 
G   N1    H1     sing N N 110 
G   C2    N2     sing N N 111 
G   C2    N3     doub N N 112 
G   N2    H21    sing N N 113 
G   N2    H22    sing N N 114 
G   N3    C4     sing N N 115 
HOH O     H1     sing N N 116 
HOH O     H2     sing N N 117 
PSU N1    C2     sing N N 118 
PSU N1    C6     sing N N 119 
PSU N1    HN1    sing N N 120 
PSU C2    N3     sing N N 121 
PSU C2    O2     doub N N 122 
PSU N3    C4     sing N N 123 
PSU N3    HN3    sing N N 124 
PSU C4    C5     sing N N 125 
PSU C4    O4     doub N N 126 
PSU C5    C6     doub N N 127 
PSU C5    "C1'"  sing N N 128 
PSU C6    H6     sing N N 129 
PSU "C1'" "C2'"  sing N N 130 
PSU "C1'" "O4'"  sing N N 131 
PSU "C1'" "H1'"  sing N N 132 
PSU "C2'" "O2'"  sing N N 133 
PSU "C2'" "C3'"  sing N N 134 
PSU "C2'" "H2'"  sing N N 135 
PSU "O2'" "HO2'" sing N N 136 
PSU "C3'" "C4'"  sing N N 137 
PSU "C3'" "O3'"  sing N N 138 
PSU "C3'" "H3'"  sing N N 139 
PSU "C4'" "O4'"  sing N N 140 
PSU "C4'" "C5'"  sing N N 141 
PSU "C4'" "H4'"  sing N N 142 
PSU "O3'" "HO3'" sing N N 143 
PSU "C5'" "O5'"  sing N N 144 
PSU "C5'" "H5'"  sing N N 145 
PSU "C5'" "H5''" sing N N 146 
PSU "O5'" P      sing N N 147 
PSU P     OP1    doub N N 148 
PSU P     OP2    sing N N 149 
PSU P     OP3    sing N N 150 
PSU OP2   HOP2   sing N N 151 
PSU OP3   HOP3   sing N N 152 
SO4 S     O1     doub N N 153 
SO4 S     O2     doub N N 154 
SO4 S     O3     sing N N 155 
SO4 S     O4     sing N N 156 
U   OP3   P      sing N N 157 
U   OP3   HOP3   sing N N 158 
U   P     OP1    doub N N 159 
U   P     OP2    sing N N 160 
U   P     "O5'"  sing N N 161 
U   OP2   HOP2   sing N N 162 
U   "O5'" "C5'"  sing N N 163 
U   "C5'" "C4'"  sing N N 164 
U   "C5'" "H5'"  sing N N 165 
U   "C5'" "H5''" sing N N 166 
U   "C4'" "O4'"  sing N N 167 
U   "C4'" "C3'"  sing N N 168 
U   "C4'" "H4'"  sing N N 169 
U   "O4'" "C1'"  sing N N 170 
U   "C3'" "O3'"  sing N N 171 
U   "C3'" "C2'"  sing N N 172 
U   "C3'" "H3'"  sing N N 173 
U   "O3'" "HO3'" sing N N 174 
U   "C2'" "O2'"  sing N N 175 
U   "C2'" "C1'"  sing N N 176 
U   "C2'" "H2'"  sing N N 177 
U   "O2'" "HO2'" sing N N 178 
U   "C1'" N1     sing N N 179 
U   "C1'" "H1'"  sing N N 180 
U   N1    C2     sing N N 181 
U   N1    C6     sing N N 182 
U   C2    O2     doub N N 183 
U   C2    N3     sing N N 184 
U   N3    C4     sing N N 185 
U   N3    H3     sing N N 186 
U   C4    O4     doub N N 187 
U   C4    C5     sing N N 188 
U   C5    C6     doub N N 189 
U   C5    H5     sing N N 190 
U   C6    H6     sing N N 191 
# 
loop_
_ndb_struct_conf_na.entry_id 
_ndb_struct_conf_na.feature 
3CGR 'a-form double helix'  
3CGR 'mismatched base pair' 
# 
loop_
_ndb_struct_na_base_pair.model_number 
_ndb_struct_na_base_pair.i_label_asym_id 
_ndb_struct_na_base_pair.i_label_comp_id 
_ndb_struct_na_base_pair.i_label_seq_id 
_ndb_struct_na_base_pair.i_symmetry 
_ndb_struct_na_base_pair.j_label_asym_id 
_ndb_struct_na_base_pair.j_label_comp_id 
_ndb_struct_na_base_pair.j_label_seq_id 
_ndb_struct_na_base_pair.j_symmetry 
_ndb_struct_na_base_pair.shear 
_ndb_struct_na_base_pair.stretch 
_ndb_struct_na_base_pair.stagger 
_ndb_struct_na_base_pair.buckle 
_ndb_struct_na_base_pair.propeller 
_ndb_struct_na_base_pair.opening 
_ndb_struct_na_base_pair.pair_number 
_ndb_struct_na_base_pair.pair_name 
_ndb_struct_na_base_pair.i_auth_asym_id 
_ndb_struct_na_base_pair.i_auth_seq_id 
_ndb_struct_na_base_pair.i_PDB_ins_code 
_ndb_struct_na_base_pair.j_auth_asym_id 
_ndb_struct_na_base_pair.j_auth_seq_id 
_ndb_struct_na_base_pair.j_PDB_ins_code 
_ndb_struct_na_base_pair.hbond_type_28 
_ndb_struct_na_base_pair.hbond_type_12 
1 A C   2  1_555 B G 13 1_555 -0.031 -0.156 0.000  0.581  -4.895  -1.053 1  A_C2:G25_B   A 2  ? B 25 ? 19 1 
1 A G   3  1_555 B C 12 1_555 -0.173 -0.311 0.148  6.640  -6.977  -0.864 2  A_G3:C24_B   A 3  ? B 24 ? 19 1 
1 A C   4  1_555 B G 11 1_555 0.145  -0.206 -0.022 4.657  -11.045 0.247  3  A_C4:G23_B   A 4  ? B 23 ? 19 1 
1 A G   5  1_555 B C 10 1_555 -0.296 -0.011 0.084  -2.653 -13.973 6.307  4  A_G5:C22_B   A 5  ? B 22 ? 19 1 
1 A G   6  1_555 B C 9  1_555 -0.287 -0.316 -0.209 -6.089 -13.538 -4.777 5  A_G6:C21_B   A 6  ? B 21 ? 19 1 
1 A PSU 7  1_555 B A 7  1_555 -0.126 -0.102 0.089  1.503  -8.942  -0.682 6  A_PSU7:A19_B A 7  ? B 19 ? 21 1 
1 A A   8  1_555 B U 6  1_555 0.174  -0.015 0.360  -2.363 -15.171 5.321  7  A_A8:U18_B   A 8  ? B 18 ? 20 1 
1 A G   9  1_555 B C 5  1_555 -0.418 -0.300 -0.015 -8.004 -14.364 1.814  8  A_G9:C17_B   A 9  ? B 17 ? 19 1 
1 A U   10 1_555 B A 4  1_555 -0.179 0.182  0.444  -3.431 -7.937  4.350  9  A_U10:A16_B  A 10 ? B 16 ? 20 1 
1 A G   11 1_555 B C 3  1_555 -0.203 -0.284 0.373  3.947  -12.005 3.111  10 A_G11:C15_B  A 11 ? B 15 ? 19 1 
1 A C   12 1_555 B G 2  1_555 -0.016 -0.136 0.255  -1.215 -9.322  -0.991 11 A_C12:G14_B  A 12 ? B 14 ? 19 1 
# 
loop_
_ndb_struct_na_base_pair_step.model_number 
_ndb_struct_na_base_pair_step.i_label_asym_id_1 
_ndb_struct_na_base_pair_step.i_label_comp_id_1 
_ndb_struct_na_base_pair_step.i_label_seq_id_1 
_ndb_struct_na_base_pair_step.i_symmetry_1 
_ndb_struct_na_base_pair_step.j_label_asym_id_1 
_ndb_struct_na_base_pair_step.j_label_comp_id_1 
_ndb_struct_na_base_pair_step.j_label_seq_id_1 
_ndb_struct_na_base_pair_step.j_symmetry_1 
_ndb_struct_na_base_pair_step.i_label_asym_id_2 
_ndb_struct_na_base_pair_step.i_label_comp_id_2 
_ndb_struct_na_base_pair_step.i_label_seq_id_2 
_ndb_struct_na_base_pair_step.i_symmetry_2 
_ndb_struct_na_base_pair_step.j_label_asym_id_2 
_ndb_struct_na_base_pair_step.j_label_comp_id_2 
_ndb_struct_na_base_pair_step.j_label_seq_id_2 
_ndb_struct_na_base_pair_step.j_symmetry_2 
_ndb_struct_na_base_pair_step.shift 
_ndb_struct_na_base_pair_step.slide 
_ndb_struct_na_base_pair_step.rise 
_ndb_struct_na_base_pair_step.tilt 
_ndb_struct_na_base_pair_step.roll 
_ndb_struct_na_base_pair_step.twist 
_ndb_struct_na_base_pair_step.x_displacement 
_ndb_struct_na_base_pair_step.y_displacement 
_ndb_struct_na_base_pair_step.helical_rise 
_ndb_struct_na_base_pair_step.inclination 
_ndb_struct_na_base_pair_step.tip 
_ndb_struct_na_base_pair_step.helical_twist 
_ndb_struct_na_base_pair_step.step_number 
_ndb_struct_na_base_pair_step.step_name 
_ndb_struct_na_base_pair_step.i_auth_asym_id_1 
_ndb_struct_na_base_pair_step.i_auth_seq_id_1 
_ndb_struct_na_base_pair_step.i_PDB_ins_code_1 
_ndb_struct_na_base_pair_step.j_auth_asym_id_1 
_ndb_struct_na_base_pair_step.j_auth_seq_id_1 
_ndb_struct_na_base_pair_step.j_PDB_ins_code_1 
_ndb_struct_na_base_pair_step.i_auth_asym_id_2 
_ndb_struct_na_base_pair_step.i_auth_seq_id_2 
_ndb_struct_na_base_pair_step.i_PDB_ins_code_2 
_ndb_struct_na_base_pair_step.j_auth_asym_id_2 
_ndb_struct_na_base_pair_step.j_auth_seq_id_2 
_ndb_struct_na_base_pair_step.j_PDB_ins_code_2 
1 A C   2  1_555 B G 13 1_555 A G   3  1_555 B C 12 1_555 -0.239 -1.940 2.964 -3.121 6.075  30.241 -4.630 -0.066 2.547 11.461 
5.888  30.985 1  AA_C2G3:C24G25_BB   A 2  ? B 25 ? A 3  ? B 24 ? 
1 A G   3  1_555 B C 12 1_555 A C   4  1_555 B G 11 1_555 -0.021 -1.989 3.366 1.180  3.082  32.061 -4.132 0.248  3.163 5.562  
-2.129 32.226 2  AA_G3C4:G23C24_BB   A 3  ? B 24 ? A 4  ? B 23 ? 
1 A C   4  1_555 B G 11 1_555 A G   5  1_555 B C 10 1_555 0.266  -1.789 3.205 -0.005 13.140 27.698 -5.631 -0.505 2.154 25.695 
0.010  30.601 3  AA_C4G5:C22G23_BB   A 4  ? B 23 ? A 5  ? B 22 ? 
1 A G   5  1_555 B C 10 1_555 A G   6  1_555 B C 9  1_555 -0.931 -1.540 3.231 -1.844 7.914  34.528 -3.627 1.274  2.863 13.109 
3.055  35.443 4  AA_G5G6:C21C22_BB   A 5  ? B 22 ? A 6  ? B 21 ? 
1 A G   6  1_555 B C 9  1_555 A PSU 7  1_555 B A 7  1_555 1.385  -1.213 3.045 -0.807 6.679  37.525 -2.615 -2.213 2.767 10.281 
1.243  38.102 5  AA_G6PSU7:A19C21_BB A 6  ? B 21 ? A 7  ? B 19 ? 
1 A PSU 7  1_555 B A 7  1_555 A A   8  1_555 B U 6  1_555 0.461  -1.514 3.022 -0.381 12.115 34.693 -3.813 -0.776 2.373 19.591 
0.617  36.688 6  AA_PSU7A8:U18A19_BB A 7  ? B 19 ? A 8  ? B 18 ? 
1 A A   8  1_555 B U 6  1_555 A G   9  1_555 B C 5  1_555 -0.223 -1.392 3.284 3.728  8.368  32.118 -3.742 0.975  2.800 14.754 
-6.573 33.365 7  AA_A8G9:C17U18_BB   A 8  ? B 18 ? A 9  ? B 17 ? 
1 A G   9  1_555 B C 5  1_555 A U   10 1_555 B A 4  1_555 0.200  -1.262 3.234 -4.155 5.756  30.957 -3.312 -1.091 2.907 10.609 
7.659  31.741 8  AA_G9U10:A16C17_BB  A 9  ? B 17 ? A 10 ? B 16 ? 
1 A U   10 1_555 B A 4  1_555 A G   11 1_555 B C 3  1_555 0.363  -1.604 2.819 0.214  6.988  28.812 -4.325 -0.673 2.375 13.788 
-0.423 29.631 9  AA_U10G11:C15A16_BB A 10 ? B 16 ? A 11 ? B 15 ? 
1 A G   11 1_555 B C 3  1_555 A C   12 1_555 B G 2  1_555 -0.158 -2.007 3.305 0.389  3.494  35.473 -3.776 0.314  3.098 5.717  
-0.636 35.641 10 AA_G11C12:G14C15_BB A 11 ? B 15 ? A 12 ? B 14 ? 
# 
_pdbx_initial_refinement_model.accession_code   ? 
_pdbx_initial_refinement_model.id               1 
_pdbx_initial_refinement_model.entity_id_list   ? 
_pdbx_initial_refinement_model.type             'experimental model' 
_pdbx_initial_refinement_model.source_name      Other 
_pdbx_initial_refinement_model.details          'our previously solved RNA duplex' 
# 
_atom_sites.entry_id                    3CGR 
_atom_sites.fract_transf_matrix[1][1]   -0.00332283 
_atom_sites.fract_transf_matrix[1][2]   -0.01362450 
_atom_sites.fract_transf_matrix[1][3]   0.00463775 
_atom_sites.fract_transf_matrix[2][1]   0.02099826 
_atom_sites.fract_transf_matrix[2][2]   -0.00069306 
_atom_sites.fract_transf_matrix[2][3]   0.01300870 
_atom_sites.fract_transf_matrix[3][1]   -0.01543695 
_atom_sites.fract_transf_matrix[3][2]   0.00935281 
_atom_sites.fract_transf_matrix[3][3]   0.02541617 
_atom_sites.fract_transf_vector[1]      -0.152615 
_atom_sites.fract_transf_vector[2]      -1.176973 
_atom_sites.fract_transf_vector[3]      0.349123 
# 
loop_
_atom_type.symbol 
C 
N 
O 
P 
S 
# 
loop_
_atom_site.group_PDB 
_atom_site.id 
_atom_site.type_symbol 
_atom_site.label_atom_id 
_atom_site.label_alt_id 
_atom_site.label_comp_id 
_atom_site.label_asym_id 
_atom_site.label_entity_id 
_atom_site.label_seq_id 
_atom_site.pdbx_PDB_ins_code 
_atom_site.Cartn_x 
_atom_site.Cartn_y 
_atom_site.Cartn_z 
_atom_site.occupancy 
_atom_site.B_iso_or_equiv 
_atom_site.pdbx_formal_charge 
_atom_site.auth_seq_id 
_atom_site.auth_comp_id 
_atom_site.auth_asym_id 
_atom_site.auth_atom_id 
_atom_site.pdbx_PDB_model_num 
ATOM   1   O "O5'" . G   A 1 1  ? -5.113  1.253   13.453  1.00 22.33 ? 1  G   A "O5'" 1 
ATOM   2   C "C5'" . G   A 1 1  ? -4.844  0.536   14.664  1.00 18.19 ? 1  G   A "C5'" 1 
ATOM   3   C "C4'" . G   A 1 1  ? -5.918  -0.495  14.901  1.00 17.06 ? 1  G   A "C4'" 1 
ATOM   4   O "O4'" . G   A 1 1  ? -7.162  0.177   15.238  1.00 15.49 ? 1  G   A "O4'" 1 
ATOM   5   C "C3'" . G   A 1 1  ? -6.278  -1.343  13.693  1.00 15.10 ? 1  G   A "C3'" 1 
ATOM   6   O "O3'" . G   A 1 1  ? -5.356  -2.421  13.545  1.00 14.72 ? 1  G   A "O3'" 1 
ATOM   7   C "C2'" . G   A 1 1  ? -7.680  -1.815  14.064  1.00 17.81 ? 1  G   A "C2'" 1 
ATOM   8   O "O2'" . G   A 1 1  ? -7.697  -2.869  15.011  1.00 15.72 ? 1  G   A "O2'" 1 
ATOM   9   C "C1'" . G   A 1 1  ? -8.253  -0.565  14.739  1.00 17.56 ? 1  G   A "C1'" 1 
ATOM   10  N N9    . G   A 1 1  ? -9.033  0.297   13.856  1.00 23.75 ? 1  G   A N9    1 
ATOM   11  C C8    . G   A 1 1  ? -8.738  1.584   13.474  1.00 25.52 ? 1  G   A C8    1 
ATOM   12  N N7    . G   A 1 1  ? -9.631  2.100   12.674  1.00 24.54 ? 1  G   A N7    1 
ATOM   13  C C5    . G   A 1 1  ? -10.571 1.096   12.513  1.00 24.08 ? 1  G   A C5    1 
ATOM   14  C C6    . G   A 1 1  ? -11.771 1.074   11.759  1.00 24.67 ? 1  G   A C6    1 
ATOM   15  O O6    . G   A 1 1  ? -12.244 1.964   11.040  1.00 26.82 ? 1  G   A O6    1 
ATOM   16  N N1    . G   A 1 1  ? -12.441 -0.139  11.898  1.00 21.16 ? 1  G   A N1    1 
ATOM   17  C C2    . G   A 1 1  ? -12.007 -1.193  12.661  1.00 20.73 ? 1  G   A C2    1 
ATOM   18  N N2    . G   A 1 1  ? -12.813 -2.267  12.711  1.00 20.74 ? 1  G   A N2    1 
ATOM   19  N N3    . G   A 1 1  ? -10.878 -1.195  13.341  1.00 21.37 ? 1  G   A N3    1 
ATOM   20  C C4    . G   A 1 1  ? -10.220 -0.026  13.235  1.00 23.55 ? 1  G   A C4    1 
ATOM   21  P P     . C   A 1 2  ? -4.567  -2.615  12.155  1.00 17.01 ? 2  C   A P     1 
ATOM   22  O OP1   . C   A 1 2  ? -3.732  -3.825  12.255  1.00 19.26 ? 2  C   A OP1   1 
ATOM   23  O OP2   . C   A 1 2  ? -3.942  -1.320  11.787  1.00 20.04 ? 2  C   A OP2   1 
ATOM   24  O "O5'" . C   A 1 2  ? -5.724  -2.920  11.096  1.00 17.02 ? 2  C   A "O5'" 1 
ATOM   25  C "C5'" . C   A 1 2  ? -6.466  -4.140  11.156  1.00 16.11 ? 2  C   A "C5'" 1 
ATOM   26  C "C4'" . C   A 1 2  ? -7.776  -3.984  10.430  1.00 17.46 ? 2  C   A "C4'" 1 
ATOM   27  O "O4'" . C   A 1 2  ? -8.555  -2.917  11.036  1.00 15.31 ? 2  C   A "O4'" 1 
ATOM   28  C "C3'" . C   A 1 2  ? -7.674  -3.545  8.981   1.00 18.56 ? 2  C   A "C3'" 1 
ATOM   29  O "O3'" . C   A 1 2  ? -7.322  -4.620  8.131   1.00 23.53 ? 2  C   A "O3'" 1 
ATOM   30  C "C2'" . C   A 1 2  ? -9.085  -3.045  8.739   1.00 18.43 ? 2  C   A "C2'" 1 
ATOM   31  O "O2'" . C   A 1 2  ? -10.007 -4.111  8.616   1.00 20.67 ? 2  C   A "O2'" 1 
ATOM   32  C "C1'" . C   A 1 2  ? -9.345  -2.281  10.037  1.00 17.27 ? 2  C   A "C1'" 1 
ATOM   33  N N1    . C   A 1 2  ? -8.922  -0.874  9.918   1.00 15.95 ? 2  C   A N1    1 
ATOM   34  C C2    . C   A 1 2  ? -9.709  0.014   9.153   1.00 19.39 ? 2  C   A C2    1 
ATOM   35  O O2    . C   A 1 2  ? -10.752 -0.397  8.615   1.00 19.40 ? 2  C   A O2    1 
ATOM   36  N N3    . C   A 1 2  ? -9.313  1.290   9.016   1.00 18.63 ? 2  C   A N3    1 
ATOM   37  C C4    . C   A 1 2  ? -8.195  1.703   9.597   1.00 20.05 ? 2  C   A C4    1 
ATOM   38  N N4    . C   A 1 2  ? -7.841  2.972   9.422   1.00 18.66 ? 2  C   A N4    1 
ATOM   39  C C5    . C   A 1 2  ? -7.380  0.832   10.390  1.00 19.93 ? 2  C   A C5    1 
ATOM   40  C C6    . C   A 1 2  ? -7.779  -0.434  10.521  1.00 16.82 ? 2  C   A C6    1 
ATOM   41  P P     . G   A 1 3  ? -6.646  -4.315  6.709   1.00 28.37 ? 3  G   A P     1 
ATOM   42  O OP1   . G   A 1 3  ? -6.252  -5.618  6.158   1.00 28.58 ? 3  G   A OP1   1 
ATOM   43  O OP2   . G   A 1 3  ? -5.637  -3.236  6.824   1.00 27.43 ? 3  G   A OP2   1 
ATOM   44  O "O5'" . G   A 1 3  ? -7.842  -3.739  5.839   1.00 27.56 ? 3  G   A "O5'" 1 
ATOM   45  C "C5'" . G   A 1 3  ? -8.937  -4.560  5.474   1.00 26.37 ? 3  G   A "C5'" 1 
ATOM   46  C "C4'" . G   A 1 3  ? -9.914  -3.757  4.667   1.00 25.04 ? 3  G   A "C4'" 1 
ATOM   47  O "O4'" . G   A 1 3  ? -10.371 -2.645  5.477   1.00 24.84 ? 3  G   A "O4'" 1 
ATOM   48  C "C3'" . G   A 1 3  ? -9.314  -3.085  3.443   1.00 23.97 ? 3  G   A "C3'" 1 
ATOM   49  O "O3'" . G   A 1 3  ? -9.311  -3.972  2.339   1.00 22.29 ? 3  G   A "O3'" 1 
ATOM   50  C "C2'" . G   A 1 3  ? -10.283 -1.940  3.209   1.00 24.72 ? 3  G   A "C2'" 1 
ATOM   51  O "O2'" . G   A 1 3  ? -11.474 -2.392  2.598   1.00 28.71 ? 3  G   A "O2'" 1 
ATOM   52  C "C1'" . G   A 1 3  ? -10.577 -1.508  4.645   1.00 25.02 ? 3  G   A "C1'" 1 
ATOM   53  N N9    . G   A 1 3  ? -9.681  -0.445  5.088   1.00 24.82 ? 3  G   A N9    1 
ATOM   54  C C8    . G   A 1 3  ? -8.602  -0.556  5.939   1.00 24.48 ? 3  G   A C8    1 
ATOM   55  N N7    . G   A 1 3  ? -7.991  0.578   6.142   1.00 23.26 ? 3  G   A N7    1 
ATOM   56  C C5    . G   A 1 3  ? -8.707  1.492   5.376   1.00 23.88 ? 3  G   A C5    1 
ATOM   57  C C6    . G   A 1 3  ? -8.523  2.888   5.195   1.00 22.98 ? 3  G   A C6    1 
ATOM   58  O O6    . G   A 1 3  ? -7.664  3.618   5.687   1.00 23.25 ? 3  G   A O6    1 
ATOM   59  N N1    . G   A 1 3  ? -9.481  3.426   4.339   1.00 22.30 ? 3  G   A N1    1 
ATOM   60  C C2    . G   A 1 3  ? -10.489 2.714   3.738   1.00 23.04 ? 3  G   A C2    1 
ATOM   61  N N2    . G   A 1 3  ? -11.329 3.408   2.963   1.00 21.49 ? 3  G   A N2    1 
ATOM   62  N N3    . G   A 1 3  ? -10.667 1.411   3.891   1.00 22.26 ? 3  G   A N3    1 
ATOM   63  C C4    . G   A 1 3  ? -9.752  0.872   4.723   1.00 22.92 ? 3  G   A C4    1 
ATOM   64  P P     . C   A 1 4  ? -8.151  -3.858  1.232   1.00 25.36 ? 4  C   A P     1 
ATOM   65  O OP1   . C   A 1 4  ? -8.190  -5.113  0.449   1.00 22.78 ? 4  C   A OP1   1 
ATOM   66  O OP2   . C   A 1 4  ? -6.896  -3.468  1.923   1.00 24.04 ? 4  C   A OP2   1 
ATOM   67  O "O5'" . C   A 1 4  ? -8.594  -2.615  0.334   1.00 21.82 ? 4  C   A "O5'" 1 
ATOM   68  C "C5'" . C   A 1 4  ? -9.916  -2.506  -0.173  1.00 23.51 ? 4  C   A "C5'" 1 
ATOM   69  C "C4'" . C   A 1 4  ? -10.138 -1.126  -0.747  1.00 23.41 ? 4  C   A "C4'" 1 
ATOM   70  O "O4'" . C   A 1 4  ? -10.272 -0.153  0.327   1.00 23.65 ? 4  C   A "O4'" 1 
ATOM   71  C "C3'" . C   A 1 4  ? -8.970  -0.580  -1.546  1.00 21.98 ? 4  C   A "C3'" 1 
ATOM   72  O "O3'" . C   A 1 4  ? -8.886  -1.124  -2.847  1.00 23.42 ? 4  C   A "O3'" 1 
ATOM   73  C "C2'" . C   A 1 4  ? -9.251  0.914   -1.539  1.00 23.67 ? 4  C   A "C2'" 1 
ATOM   74  O "O2'" . C   A 1 4  ? -10.230 1.321   -2.482  1.00 24.97 ? 4  C   A "O2'" 1 
ATOM   75  C "C1'" . C   A 1 4  ? -9.769  1.107   -0.112  1.00 23.03 ? 4  C   A "C1'" 1 
ATOM   76  N N1    . C   A 1 4  ? -8.678  1.536   0.777   1.00 21.03 ? 4  C   A N1    1 
ATOM   77  C C2    . C   A 1 4  ? -8.348  2.893   0.815   1.00 21.07 ? 4  C   A C2    1 
ATOM   78  O O2    . C   A 1 4  ? -9.004  3.687   0.131   1.00 21.18 ? 4  C   A O2    1 
ATOM   79  N N3    . C   A 1 4  ? -7.325  3.305   1.601   1.00 20.33 ? 4  C   A N3    1 
ATOM   80  C C4    . C   A 1 4  ? -6.649  2.425   2.339   1.00 20.63 ? 4  C   A C4    1 
ATOM   81  N N4    . C   A 1 4  ? -5.657  2.897   3.110   1.00 20.12 ? 4  C   A N4    1 
ATOM   82  C C5    . C   A 1 4  ? -6.962  1.031   2.325   1.00 20.64 ? 4  C   A C5    1 
ATOM   83  C C6    . C   A 1 4  ? -7.981  0.634   1.538   1.00 23.06 ? 4  C   A C6    1 
ATOM   84  P P     . G   A 1 5  ? -7.461  -1.182  -3.586  1.00 22.00 ? 5  G   A P     1 
ATOM   85  O OP1   . G   A 1 5  ? -7.619  -1.940  -4.848  1.00 20.81 ? 5  G   A OP1   1 
ATOM   86  O OP2   . G   A 1 5  ? -6.445  -1.605  -2.593  1.00 20.10 ? 5  G   A OP2   1 
ATOM   87  O "O5'" . G   A 1 5  ? -7.176  0.337   -3.979  1.00 23.53 ? 5  G   A "O5'" 1 
ATOM   88  C "C5'" . G   A 1 5  ? -8.088  1.053   -4.798  1.00 21.77 ? 5  G   A "C5'" 1 
ATOM   89  C "C4'" . G   A 1 5  ? -7.688  2.507   -4.877  1.00 24.68 ? 5  G   A "C4'" 1 
ATOM   90  O "O4'" . G   A 1 5  ? -7.879  3.155   -3.591  1.00 25.17 ? 5  G   A "O4'" 1 
ATOM   91  C "C3'" . G   A 1 5  ? -6.237  2.810   -5.206  1.00 24.37 ? 5  G   A "C3'" 1 
ATOM   92  O "O3'" . G   A 1 5  ? -5.948  2.690   -6.591  1.00 23.71 ? 5  G   A "O3'" 1 
ATOM   93  C "C2'" . G   A 1 5  ? -6.131  4.249   -4.733  1.00 24.61 ? 5  G   A "C2'" 1 
ATOM   94  O "O2'" . G   A 1 5  ? -6.745  5.160   -5.617  1.00 24.86 ? 5  G   A "O2'" 1 
ATOM   95  C "C1'" . G   A 1 5  ? -6.930  4.184   -3.434  1.00 24.70 ? 5  G   A "C1'" 1 
ATOM   96  N N9    . G   A 1 5  ? -6.073  3.858   -2.300  1.00 26.56 ? 5  G   A N9    1 
ATOM   97  C C8    . G   A 1 5  ? -5.937  2.644   -1.663  1.00 28.02 ? 5  G   A C8    1 
ATOM   98  N N7    . G   A 1 5  ? -5.083  2.678   -0.673  1.00 27.57 ? 5  G   A N7    1 
ATOM   99  C C5    . G   A 1 5  ? -4.635  3.995   -0.654  1.00 27.32 ? 5  G   A C5    1 
ATOM   100 C C6    . G   A 1 5  ? -3.715  4.641   0.206   1.00 27.80 ? 5  G   A C6    1 
ATOM   101 O O6    . G   A 1 5  ? -3.090  4.167   1.161   1.00 28.74 ? 5  G   A O6    1 
ATOM   102 N N1    . G   A 1 5  ? -3.549  5.978   -0.136  1.00 26.85 ? 5  G   A N1    1 
ATOM   103 C C2    . G   A 1 5  ? -4.176  6.616   -1.184  1.00 27.61 ? 5  G   A C2    1 
ATOM   104 N N2    . G   A 1 5  ? -3.882  7.912   -1.388  1.00 24.39 ? 5  G   A N2    1 
ATOM   105 N N3    . G   A 1 5  ? -5.033  6.024   -1.985  1.00 26.98 ? 5  G   A N3    1 
ATOM   106 C C4    . G   A 1 5  ? -5.223  4.727   -1.661  1.00 27.53 ? 5  G   A C4    1 
ATOM   107 P P     . G   A 1 6  ? -4.419  2.564   -7.076  1.00 26.73 ? 6  G   A P     1 
ATOM   108 O OP1   . G   A 1 6  ? -4.432  2.227   -8.523  1.00 26.20 ? 6  G   A OP1   1 
ATOM   109 O OP2   . G   A 1 6  ? -3.698  1.668   -6.142  1.00 26.26 ? 6  G   A OP2   1 
ATOM   110 O "O5'" . G   A 1 6  ? -3.821  4.030   -6.853  1.00 24.71 ? 6  G   A "O5'" 1 
ATOM   111 C "C5'" . G   A 1 6  ? -4.242  5.137   -7.640  1.00 28.54 ? 6  G   A "C5'" 1 
ATOM   112 C "C4'" . G   A 1 6  ? -3.430  6.368   -7.287  1.00 30.19 ? 6  G   A "C4'" 1 
ATOM   113 O "O4'" . G   A 1 6  ? -3.708  6.766   -5.914  1.00 31.01 ? 6  G   A "O4'" 1 
ATOM   114 C "C3'" . G   A 1 6  ? -1.916  6.204   -7.328  1.00 32.06 ? 6  G   A "C3'" 1 
ATOM   115 O "O3'" . G   A 1 6  ? -1.408  6.350   -8.642  1.00 32.31 ? 6  G   A "O3'" 1 
ATOM   116 C "C2'" . G   A 1 6  ? -1.445  7.312   -6.390  1.00 32.28 ? 6  G   A "C2'" 1 
ATOM   117 O "O2'" . G   A 1 6  ? -1.453  8.608   -6.956  1.00 32.85 ? 6  G   A "O2'" 1 
ATOM   118 C "C1'" . G   A 1 6  ? -2.520  7.254   -5.307  1.00 32.36 ? 6  G   A "C1'" 1 
ATOM   119 N N9    . G   A 1 6  ? -2.137  6.366   -4.214  1.00 31.99 ? 6  G   A N9    1 
ATOM   120 C C8    . G   A 1 6  ? -2.561  5.079   -3.996  1.00 32.65 ? 6  G   A C8    1 
ATOM   121 N N7    . G   A 1 6  ? -2.038  4.538   -2.928  1.00 32.62 ? 6  G   A N7    1 
ATOM   122 C C5    . G   A 1 6  ? -1.216  5.527   -2.409  1.00 31.55 ? 6  G   A C5    1 
ATOM   123 C C6    . G   A 1 6  ? -0.394  5.525   -1.251  1.00 29.80 ? 6  G   A C6    1 
ATOM   124 O O6    . G   A 1 6  ? -0.232  4.629   -0.428  1.00 26.13 ? 6  G   A O6    1 
ATOM   125 N N1    . G   A 1 6  ? 0.273   6.734   -1.095  1.00 28.95 ? 6  G   A N1    1 
ATOM   126 C C2    . G   A 1 6  ? 0.164   7.811   -1.937  1.00 32.08 ? 6  G   A C2    1 
ATOM   127 N N2    . G   A 1 6  ? 0.886   8.897   -1.603  1.00 31.84 ? 6  G   A N2    1 
ATOM   128 N N3    . G   A 1 6  ? -0.601  7.829   -3.025  1.00 33.28 ? 6  G   A N3    1 
ATOM   129 C C4    . G   A 1 6  ? -1.261  6.662   -3.194  1.00 33.10 ? 6  G   A C4    1 
HETATM 130 N N1    . PSU A 1 7  ? 0.928   3.826   -4.509  1.00 31.71 ? 7  PSU A N1    1 
HETATM 131 C C2    . PSU A 1 7  ? 1.378   3.392   -3.222  1.00 30.97 ? 7  PSU A C2    1 
HETATM 132 N N3    . PSU A 1 7  ? 2.268   4.249   -2.612  1.00 30.19 ? 7  PSU A N3    1 
HETATM 133 C C4    . PSU A 1 7  ? 2.748   5.435   -3.114  1.00 30.45 ? 7  PSU A C4    1 
HETATM 134 C C5    . PSU A 1 7  ? 2.268   5.789   -4.351  1.00 31.70 ? 7  PSU A C5    1 
HETATM 135 C C6    . PSU A 1 7  ? 1.379   4.983   -5.018  1.00 29.43 ? 7  PSU A C6    1 
HETATM 136 O O2    . PSU A 1 7  ? 1.080   2.331   -2.670  1.00 30.76 ? 7  PSU A O2    1 
HETATM 137 O O4    . PSU A 1 7  ? 3.545   6.119   -2.510  1.00 32.26 ? 7  PSU A O4    1 
HETATM 138 C "C1'" . PSU A 1 7  ? 2.750   7.057   -4.917  1.00 33.52 ? 7  PSU A "C1'" 1 
HETATM 139 C "C2'" . PSU A 1 7  ? 4.105   6.900   -5.602  1.00 35.02 ? 7  PSU A "C2'" 1 
HETATM 140 O "O2'" . PSU A 1 7  ? 4.852   8.097   -5.484  1.00 35.82 ? 7  PSU A "O2'" 1 
HETATM 141 C "C3'" . PSU A 1 7  ? 3.667   6.619   -7.027  1.00 34.93 ? 7  PSU A "C3'" 1 
HETATM 142 C "C4'" . PSU A 1 7  ? 2.517   7.593   -7.184  1.00 33.92 ? 7  PSU A "C4'" 1 
HETATM 143 O "O3'" . PSU A 1 7  ? 4.720   6.843   -7.945  1.00 34.32 ? 7  PSU A "O3'" 1 
HETATM 144 O "O4'" . PSU A 1 7  ? 1.835   7.493   -5.909  1.00 32.84 ? 7  PSU A "O4'" 1 
HETATM 145 C "C5'" . PSU A 1 7  ? 1.540   7.300   -8.294  1.00 33.95 ? 7  PSU A "C5'" 1 
HETATM 146 O "O5'" . PSU A 1 7  ? 1.044   5.975   -8.178  1.00 35.33 ? 7  PSU A "O5'" 1 
HETATM 147 P P     . PSU A 1 7  ? -0.144  5.471   -9.112  1.00 35.63 ? 7  PSU A P     1 
HETATM 148 O OP1   . PSU A 1 7  ? 0.149   5.908   -10.500 1.00 35.96 ? 7  PSU A OP1   1 
HETATM 149 O OP2   . PSU A 1 7  ? -0.375  4.031   -8.827  1.00 34.87 ? 7  PSU A OP2   1 
ATOM   150 P P     . A   A 1 8  ? 5.705   5.634   -8.306  1.00 36.02 ? 8  A   A P     1 
ATOM   151 O OP1   . A   A 1 8  ? 6.616   6.102   -9.380  1.00 38.17 ? 8  A   A OP1   1 
ATOM   152 O OP2   . A   A 1 8  ? 4.885   4.411   -8.510  1.00 35.23 ? 8  A   A OP2   1 
ATOM   153 O "O5'" . A   A 1 8  ? 6.542   5.418   -6.971  1.00 35.42 ? 8  A   A "O5'" 1 
ATOM   154 C "C5'" . A   A 1 8  ? 7.405   6.429   -6.472  1.00 34.63 ? 8  A   A "C5'" 1 
ATOM   155 C "C4'" . A   A 1 8  ? 8.010   5.994   -5.154  1.00 33.95 ? 8  A   A "C4'" 1 
ATOM   156 O "O4'" . A   A 1 8  ? 6.957   5.895   -4.159  1.00 35.00 ? 8  A   A "O4'" 1 
ATOM   157 C "C3'" . A   A 1 8  ? 8.655   4.618   -5.124  1.00 33.40 ? 8  A   A "C3'" 1 
ATOM   158 O "O3'" . A   A 1 8  ? 9.987   4.630   -5.621  1.00 33.30 ? 8  A   A "O3'" 1 
ATOM   159 C "C2'" . A   A 1 8  ? 8.631   4.302   -3.639  1.00 34.37 ? 8  A   A "C2'" 1 
ATOM   160 O "O2'" . A   A 1 8  ? 9.646   4.983   -2.934  1.00 35.60 ? 8  A   A "O2'" 1 
ATOM   161 C "C1'" . A   A 1 8  ? 7.260   4.854   -3.241  1.00 33.94 ? 8  A   A "C1'" 1 
ATOM   162 N N9    . A   A 1 8  ? 6.210   3.840   -3.328  1.00 32.15 ? 8  A   A N9    1 
ATOM   163 C C8    . A   A 1 8  ? 5.304   3.664   -4.341  1.00 30.76 ? 8  A   A C8    1 
ATOM   164 N N7    . A   A 1 8  ? 4.499   2.648   -4.161  1.00 31.08 ? 8  A   A N7    1 
ATOM   165 C C5    . A   A 1 8  ? 4.897   2.119   -2.939  1.00 32.16 ? 8  A   A C5    1 
ATOM   166 C C6    . A   A 1 8  ? 4.440   1.016   -2.185  1.00 31.67 ? 8  A   A C6    1 
ATOM   167 N N6    . A   A 1 8  ? 3.466   0.201   -2.584  1.00 31.52 ? 8  A   A N6    1 
ATOM   168 N N1    . A   A 1 8  ? 5.041   0.774   -0.999  1.00 32.53 ? 8  A   A N1    1 
ATOM   169 C C2    . A   A 1 8  ? 6.043   1.573   -0.616  1.00 31.93 ? 8  A   A C2    1 
ATOM   170 N N3    . A   A 1 8  ? 6.569   2.626   -1.240  1.00 31.45 ? 8  A   A N3    1 
ATOM   171 C C4    . A   A 1 8  ? 5.943   2.851   -2.409  1.00 31.88 ? 8  A   A C4    1 
ATOM   172 P P     . G   A 1 9  ? 10.672  3.250   -6.102  1.00 35.15 ? 9  G   A P     1 
ATOM   173 O OP1   . G   A 1 9  ? 12.014  3.553   -6.628  1.00 36.50 ? 9  G   A OP1   1 
ATOM   174 O OP2   . G   A 1 9  ? 9.705   2.516   -6.951  1.00 34.92 ? 9  G   A OP2   1 
ATOM   175 O "O5'" . G   A 1 9  ? 10.882  2.424   -4.757  1.00 33.86 ? 9  G   A "O5'" 1 
ATOM   176 C "C5'" . G   A 1 9  ? 11.844  2.832   -3.801  1.00 32.53 ? 9  G   A "C5'" 1 
ATOM   177 C "C4'" . G   A 1 9  ? 11.901  1.846   -2.666  1.00 31.84 ? 9  G   A "C4'" 1 
ATOM   178 O "O4'" . G   A 1 9  ? 10.635  1.854   -1.949  1.00 31.70 ? 9  G   A "O4'" 1 
ATOM   179 C "C3'" . G   A 1 9  ? 12.063  0.391   -3.072  1.00 30.75 ? 9  G   A "C3'" 1 
ATOM   180 O "O3'" . G   A 1 9  ? 13.415  0.074   -3.359  1.00 31.99 ? 9  G   A "O3'" 1 
ATOM   181 C "C2'" . G   A 1 9  ? 11.563  -0.317  -1.820  1.00 31.79 ? 9  G   A "C2'" 1 
ATOM   182 O "O2'" . G   A 1 9  ? 12.464  -0.253  -0.731  1.00 30.61 ? 9  G   A "O2'" 1 
ATOM   183 C "C1'" . G   A 1 9  ? 10.353  0.544   -1.474  1.00 30.28 ? 9  G   A "C1'" 1 
ATOM   184 N N9    . G   A 1 9  ? 9.149   0.059   -2.138  1.00 27.96 ? 9  G   A N9    1 
ATOM   185 C C8    . G   A 1 9  ? 8.611   0.499   -3.322  1.00 27.31 ? 9  G   A C8    1 
ATOM   186 N N7    . G   A 1 9  ? 7.515   -0.127  -3.650  1.00 27.51 ? 9  G   A N7    1 
ATOM   187 C C5    . G   A 1 9  ? 7.317   -1.033  -2.618  1.00 26.51 ? 9  G   A C5    1 
ATOM   188 C C6    . G   A 1 9  ? 6.273   -1.978  -2.401  1.00 25.90 ? 9  G   A C6    1 
ATOM   189 O O6    . G   A 1 9  ? 5.278   -2.199  -3.097  1.00 22.47 ? 9  G   A O6    1 
ATOM   190 N N1    . G   A 1 9  ? 6.477   -2.699  -1.225  1.00 23.96 ? 9  G   A N1    1 
ATOM   191 C C2    . G   A 1 9  ? 7.535   -2.529  -0.363  1.00 26.22 ? 9  G   A C2    1 
ATOM   192 N N2    . G   A 1 9  ? 7.558   -3.322  0.724   1.00 25.17 ? 9  G   A N2    1 
ATOM   193 N N3    . G   A 1 9  ? 8.500   -1.647  -0.547  1.00 26.09 ? 9  G   A N3    1 
ATOM   194 C C4    . G   A 1 9  ? 8.329   -0.939  -1.683  1.00 28.38 ? 9  G   A C4    1 
ATOM   195 P P     . U   A 1 10 ? 13.755  -1.183  -4.300  1.00 34.23 ? 10 U   A P     1 
ATOM   196 O OP1   . U   A 1 10 ? 15.242  -1.204  -4.429  1.00 33.32 ? 10 U   A OP1   1 
ATOM   197 O OP2   . U   A 1 10 ? 12.915  -1.178  -5.517  1.00 33.49 ? 10 U   A OP2   1 
ATOM   198 O "O5'" . U   A 1 10 ? 13.359  -2.442  -3.413  1.00 33.08 ? 10 U   A "O5'" 1 
ATOM   199 C "C5'" . U   A 1 10 ? 14.082  -2.750  -2.232  1.00 31.82 ? 10 U   A "C5'" 1 
ATOM   200 C "C4'" . U   A 1 10 ? 13.460  -3.933  -1.544  1.00 31.17 ? 10 U   A "C4'" 1 
ATOM   201 O "O4'" . U   A 1 10 ? 12.109  -3.573  -1.174  1.00 29.83 ? 10 U   A "O4'" 1 
ATOM   202 C "C3'" . U   A 1 10 ? 13.271  -5.165  -2.414  1.00 33.49 ? 10 U   A "C3'" 1 
ATOM   203 O "O3'" . U   A 1 10 ? 14.435  -5.976  -2.490  1.00 35.56 ? 10 U   A "O3'" 1 
ATOM   204 C "C2'" . U   A 1 10 ? 12.140  -5.885  -1.705  1.00 32.00 ? 10 U   A "C2'" 1 
ATOM   205 O "O2'" . U   A 1 10 ? 12.562  -6.601  -0.562  1.00 34.61 ? 10 U   A "O2'" 1 
ATOM   206 C "C1'" . U   A 1 10 ? 11.263  -4.705  -1.300  1.00 30.31 ? 10 U   A "C1'" 1 
ATOM   207 N N1    . U   A 1 10 ? 10.248  -4.419  -2.320  1.00 27.42 ? 10 U   A N1    1 
ATOM   208 C C2    . U   A 1 10 ? 9.125   -5.205  -2.311  1.00 25.75 ? 10 U   A C2    1 
ATOM   209 O O2    . U   A 1 10 ? 8.957   -6.085  -1.493  1.00 26.89 ? 10 U   A O2    1 
ATOM   210 N N3    . U   A 1 10 ? 8.211   -4.927  -3.298  1.00 23.24 ? 10 U   A N3    1 
ATOM   211 C C4    . U   A 1 10 ? 8.314   -3.957  -4.271  1.00 21.31 ? 10 U   A C4    1 
ATOM   212 O O4    . U   A 1 10 ? 7.415   -3.828  -5.089  1.00 19.72 ? 10 U   A O4    1 
ATOM   213 C C5    . U   A 1 10 ? 9.507   -3.175  -4.211  1.00 22.14 ? 10 U   A C5    1 
ATOM   214 C C6    . U   A 1 10 ? 10.411  -3.423  -3.259  1.00 24.49 ? 10 U   A C6    1 
ATOM   215 P P     . G   A 1 11 ? 14.655  -6.898  -3.776  1.00 36.38 ? 11 G   A P     1 
ATOM   216 O OP1   . G   A 1 11 ? 16.015  -7.448  -3.615  1.00 37.44 ? 11 G   A OP1   1 
ATOM   217 O OP2   . G   A 1 11 ? 14.311  -6.128  -4.994  1.00 36.75 ? 11 G   A OP2   1 
ATOM   218 O "O5'" . G   A 1 11 ? 13.570  -8.057  -3.632  1.00 35.28 ? 11 G   A "O5'" 1 
ATOM   219 C "C5'" . G   A 1 11 ? 13.563  -8.925  -2.510  1.00 30.07 ? 11 G   A "C5'" 1 
ATOM   220 C "C4'" . G   A 1 11 ? 12.267  -9.699  -2.461  1.00 28.28 ? 11 G   A "C4'" 1 
ATOM   221 O "O4'" . G   A 1 11 ? 11.162  -8.764  -2.403  1.00 28.34 ? 11 G   A "O4'" 1 
ATOM   222 C "C3'" . G   A 1 11 ? 11.915  -10.528 -3.678  1.00 26.86 ? 11 G   A "C3'" 1 
ATOM   223 O "O3'" . G   A 1 11 ? 12.550  -11.791 -3.652  1.00 27.00 ? 11 G   A "O3'" 1 
ATOM   224 C "C2'" . G   A 1 11 ? 10.426  -10.734 -3.491  1.00 26.41 ? 11 G   A "C2'" 1 
ATOM   225 O "O2'" . G   A 1 11 ? 10.195  -11.728 -2.524  1.00 25.85 ? 11 G   A "O2'" 1 
ATOM   226 C "C1'" . G   A 1 11 ? 10.007  -9.377  -2.929  1.00 25.42 ? 11 G   A "C1'" 1 
ATOM   227 N N9    . G   A 1 11 ? 9.443   -8.510  -3.954  1.00 24.36 ? 11 G   A N9    1 
ATOM   228 C C8    . G   A 1 11 ? 10.043  -7.457  -4.604  1.00 23.20 ? 11 G   A C8    1 
ATOM   229 N N7    . G   A 1 11 ? 9.270   -6.900  -5.492  1.00 21.71 ? 11 G   A N7    1 
ATOM   230 C C5    . G   A 1 11 ? 8.089   -7.626  -5.415  1.00 22.36 ? 11 G   A C5    1 
ATOM   231 C C6    . G   A 1 11 ? 6.865   -7.496  -6.148  1.00 21.92 ? 11 G   A C6    1 
ATOM   232 O O6    . G   A 1 11 ? 6.571   -6.672  -7.024  1.00 21.40 ? 11 G   A O6    1 
ATOM   233 N N1    . G   A 1 11 ? 5.938   -8.458  -5.768  1.00 20.51 ? 11 G   A N1    1 
ATOM   234 C C2    . G   A 1 11 ? 6.143   -9.417  -4.800  1.00 23.50 ? 11 G   A C2    1 
ATOM   235 N N2    . G   A 1 11 ? 5.141   -10.285 -4.573  1.00 21.94 ? 11 G   A N2    1 
ATOM   236 N N3    . G   A 1 11 ? 7.264   -9.531  -4.101  1.00 22.87 ? 11 G   A N3    1 
ATOM   237 C C4    . G   A 1 11 ? 8.185   -8.615  -4.466  1.00 22.74 ? 11 G   A C4    1 
ATOM   238 P P     . C   A 1 12 ? 12.716  -12.605 -5.014  1.00 24.49 ? 12 C   A P     1 
ATOM   239 O OP1   . C   A 1 12 ? 13.601  -13.744 -4.716  1.00 25.75 ? 12 C   A OP1   1 
ATOM   240 O OP2   . C   A 1 12 ? 13.110  -11.633 -6.050  1.00 27.86 ? 12 C   A OP2   1 
ATOM   241 O "O5'" . C   A 1 12 ? 11.241  -13.130 -5.379  1.00 24.64 ? 12 C   A "O5'" 1 
ATOM   242 C "C5'" . C   A 1 12 ? 10.581  -14.099 -4.560  1.00 23.31 ? 12 C   A "C5'" 1 
ATOM   243 C "C4'" . C   A 1 12 ? 9.180   -14.389 -5.073  1.00 19.81 ? 12 C   A "C4'" 1 
ATOM   244 O "O4'" . C   A 1 12 ? 8.334   -13.215 -4.956  1.00 20.72 ? 12 C   A "O4'" 1 
ATOM   245 C "C3'" . C   A 1 12 ? 9.060   -14.763 -6.537  1.00 18.09 ? 12 C   A "C3'" 1 
ATOM   246 O "O3'" . C   A 1 12 ? 9.459   -16.065 -6.896  1.00 18.78 ? 12 C   A "O3'" 1 
ATOM   247 C "C2'" . C   A 1 12 ? 7.590   -14.495 -6.825  1.00 19.54 ? 12 C   A "C2'" 1 
ATOM   248 O "O2'" . C   A 1 12 ? 6.741   -15.561 -6.464  1.00 19.43 ? 12 C   A "O2'" 1 
ATOM   249 C "C1'" . C   A 1 12 ? 7.350   -13.238 -5.982  1.00 19.72 ? 12 C   A "C1'" 1 
ATOM   250 N N1    . C   A 1 12 ? 7.489   -12.031 -6.811  1.00 18.92 ? 12 C   A N1    1 
ATOM   251 C C2    . C   A 1 12 ? 6.421   -11.672 -7.618  1.00 22.50 ? 12 C   A C2    1 
ATOM   252 O O2    . C   A 1 12 ? 5.410   -12.392 -7.621  1.00 24.87 ? 12 C   A O2    1 
ATOM   253 N N3    . C   A 1 12 ? 6.508   -10.560 -8.384  1.00 22.64 ? 12 C   A N3    1 
ATOM   254 C C4    . C   A 1 12 ? 7.623   -9.832  -8.378  1.00 20.81 ? 12 C   A C4    1 
ATOM   255 N N4    . C   A 1 12 ? 7.656   -8.749  -9.157  1.00 18.50 ? 12 C   A N4    1 
ATOM   256 C C5    . C   A 1 12 ? 8.745   -10.187 -7.573  1.00 20.74 ? 12 C   A C5    1 
ATOM   257 C C6    . C   A 1 12 ? 8.631   -11.280 -6.804  1.00 20.68 ? 12 C   A C6    1 
ATOM   258 O "O5'" . C   B 2 1  ? 2.441   -2.289  -14.963 1.00 35.15 ? 13 C   B "O5'" 1 
ATOM   259 C "C5'" . C   B 2 1  ? 1.364   -2.120  -15.877 1.00 34.54 ? 13 C   B "C5'" 1 
ATOM   260 C "C4'" . C   B 2 1  ? 0.799   -3.443  -16.335 1.00 34.51 ? 13 C   B "C4'" 1 
ATOM   261 O "O4'" . C   B 2 1  ? 1.857   -4.243  -16.927 1.00 35.51 ? 13 C   B "O4'" 1 
ATOM   262 C "C3'" . C   B 2 1  ? 0.279   -4.333  -15.226 1.00 33.98 ? 13 C   B "C3'" 1 
ATOM   263 O "O3'" . C   B 2 1  ? -1.020  -3.971  -14.818 1.00 35.81 ? 13 C   B "O3'" 1 
ATOM   264 C "C2'" . C   B 2 1  ? 0.316   -5.710  -15.867 1.00 33.94 ? 13 C   B "C2'" 1 
ATOM   265 O "O2'" . C   B 2 1  ? -0.794  -5.997  -16.697 1.00 32.85 ? 13 C   B "O2'" 1 
ATOM   266 C "C1'" . C   B 2 1  ? 1.613   -5.619  -16.674 1.00 33.77 ? 13 C   B "C1'" 1 
ATOM   267 N N1    . C   B 2 1  ? 2.751   -6.156  -15.917 1.00 32.17 ? 13 C   B N1    1 
ATOM   268 C C2    . C   B 2 1  ? 2.827   -7.529  -15.726 1.00 31.75 ? 13 C   B C2    1 
ATOM   269 O O2    . C   B 2 1  ? 1.939   -8.250  -16.218 1.00 31.17 ? 13 C   B O2    1 
ATOM   270 N N3    . C   B 2 1  ? 3.858   -8.042  -15.020 1.00 28.91 ? 13 C   B N3    1 
ATOM   271 C C4    . C   B 2 1  ? 4.794   -7.235  -14.531 1.00 29.48 ? 13 C   B C4    1 
ATOM   272 N N4    . C   B 2 1  ? 5.802   -7.788  -13.854 1.00 27.14 ? 13 C   B N4    1 
ATOM   273 C C5    . C   B 2 1  ? 4.744   -5.824  -14.720 1.00 30.56 ? 13 C   B C5    1 
ATOM   274 C C6    . C   B 2 1  ? 3.713   -5.332  -15.408 1.00 29.76 ? 13 C   B C6    1 
ATOM   275 P P     . G   B 2 2  ? -1.422  -4.132  -13.278 1.00 36.47 ? 14 G   B P     1 
ATOM   276 O OP1   . G   B 2 2  ? -2.850  -3.726  -13.166 1.00 36.89 ? 14 G   B OP1   1 
ATOM   277 O OP2   . G   B 2 2  ? -0.395  -3.454  -12.446 1.00 33.26 ? 14 G   B OP2   1 
ATOM   278 O "O5'" . G   B 2 2  ? -1.308  -5.699  -13.026 1.00 34.63 ? 14 G   B "O5'" 1 
ATOM   279 C "C5'" . G   B 2 2  ? -2.231  -6.607  -13.606 1.00 29.98 ? 14 G   B "C5'" 1 
ATOM   280 C "C4'" . G   B 2 2  ? -1.950  -8.004  -13.110 1.00 29.52 ? 14 G   B "C4'" 1 
ATOM   281 O "O4'" . G   B 2 2  ? -0.661  -8.448  -13.619 1.00 28.69 ? 14 G   B "O4'" 1 
ATOM   282 C "C3'" . G   B 2 2  ? -1.807  -8.138  -11.600 1.00 27.22 ? 14 G   B "C3'" 1 
ATOM   283 O "O3'" . G   B 2 2  ? -3.072  -8.262  -10.969 1.00 26.94 ? 14 G   B "O3'" 1 
ATOM   284 C "C2'" . G   B 2 2  ? -1.002  -9.423  -11.477 1.00 28.66 ? 14 G   B "C2'" 1 
ATOM   285 O "O2'" . G   B 2 2  ? -1.817  -10.563 -11.671 1.00 24.84 ? 14 G   B "O2'" 1 
ATOM   286 C "C1'" . G   B 2 2  ? -0.028  -9.263  -12.645 1.00 28.09 ? 14 G   B "C1'" 1 
ATOM   287 N N9    . G   B 2 2  ? 1.217   -8.619  -12.251 1.00 30.93 ? 14 G   B N9    1 
ATOM   288 C C8    . G   B 2 2  ? 1.660   -7.378  -12.640 1.00 31.63 ? 14 G   B C8    1 
ATOM   289 N N7    . G   B 2 2  ? 2.822   -7.070  -12.141 1.00 31.48 ? 14 G   B N7    1 
ATOM   290 C C5    . G   B 2 2  ? 3.170   -8.172  -11.371 1.00 30.30 ? 14 G   B C5    1 
ATOM   291 C C6    . G   B 2 2  ? 4.330   -8.414  -10.588 1.00 31.00 ? 14 G   B C6    1 
ATOM   292 O O6    . G   B 2 2  ? 5.314   -7.688  -10.430 1.00 30.29 ? 14 G   B O6    1 
ATOM   293 N N1    . G   B 2 2  ? 4.272   -9.652  -9.957  1.00 31.65 ? 14 G   B N1    1 
ATOM   294 C C2    . G   B 2 2  ? 3.231   -10.547 -10.070 1.00 33.42 ? 14 G   B C2    1 
ATOM   295 N N2    . G   B 2 2  ? 3.366   -11.688 -9.387  1.00 30.95 ? 14 G   B N2    1 
ATOM   296 N N3    . G   B 2 2  ? 2.145   -10.334 -10.801 1.00 31.94 ? 14 G   B N3    1 
ATOM   297 C C4    . G   B 2 2  ? 2.184   -9.133  -11.422 1.00 30.55 ? 14 G   B C4    1 
ATOM   298 P P     . C   B 2 3  ? -3.280  -7.693  -9.477  1.00 26.71 ? 15 C   B P     1 
ATOM   299 O OP1   . C   B 2 3  ? -4.707  -7.916  -9.158  1.00 26.53 ? 15 C   B OP1   1 
ATOM   300 O OP2   . C   B 2 3  ? -2.721  -6.324  -9.403  1.00 24.71 ? 15 C   B OP2   1 
ATOM   301 O "O5'" . C   B 2 3  ? -2.380  -8.658  -8.566  1.00 26.29 ? 15 C   B "O5'" 1 
ATOM   302 C "C5'" . C   B 2 3  ? -2.671  -10.049 -8.453  1.00 23.51 ? 15 C   B "C5'" 1 
ATOM   303 C "C4'" . C   B 2 3  ? -1.692  -10.724 -7.514  1.00 23.02 ? 15 C   B "C4'" 1 
ATOM   304 O "O4'" . C   B 2 3  ? -0.370  -10.782 -8.110  1.00 22.86 ? 15 C   B "O4'" 1 
ATOM   305 C "C3'" . C   B 2 3  ? -1.448  -10.025 -6.191  1.00 22.24 ? 15 C   B "C3'" 1 
ATOM   306 O "O3'" . C   B 2 3  ? -2.476  -10.280 -5.260  1.00 20.70 ? 15 C   B "O3'" 1 
ATOM   307 C "C2'" . C   B 2 3  ? -0.125  -10.629 -5.751  1.00 24.68 ? 15 C   B "C2'" 1 
ATOM   308 O "O2'" . C   B 2 3  ? -0.273  -11.905 -5.161  1.00 24.68 ? 15 C   B "O2'" 1 
ATOM   309 C "C1'" . C   B 2 3  ? 0.617   -10.719 -7.087  1.00 23.41 ? 15 C   B "C1'" 1 
ATOM   310 N N1    . C   B 2 3  ? 1.457   -9.530  -7.322  1.00 22.51 ? 15 C   B N1    1 
ATOM   311 C C2    . C   B 2 3  ? 2.705   -9.441  -6.686  1.00 22.64 ? 15 C   B C2    1 
ATOM   312 O O2    . C   B 2 3  ? 3.072   -10.372 -5.946  1.00 21.40 ? 15 C   B O2    1 
ATOM   313 N N3    . C   B 2 3  ? 3.472   -8.345  -6.893  1.00 22.35 ? 15 C   B N3    1 
ATOM   314 C C4    . C   B 2 3  ? 3.031   -7.361  -7.683  1.00 24.31 ? 15 C   B C4    1 
ATOM   315 N N4    . C   B 2 3  ? 3.800   -6.276  -7.843  1.00 23.77 ? 15 C   B N4    1 
ATOM   316 C C5    . C   B 2 3  ? 1.773   -7.435  -8.344  1.00 24.59 ? 15 C   B C5    1 
ATOM   317 C C6    . C   B 2 3  ? 1.029   -8.524  -8.137  1.00 24.00 ? 15 C   B C6    1 
ATOM   318 P P     . A   B 2 4  ? -2.822  -9.171  -4.166  1.00 22.35 ? 16 A   B P     1 
ATOM   319 O OP1   . A   B 2 4  ? -4.147  -9.464  -3.570  1.00 22.31 ? 16 A   B OP1   1 
ATOM   320 O OP2   . A   B 2 4  ? -2.568  -7.856  -4.801  1.00 20.15 ? 16 A   B OP2   1 
ATOM   321 O "O5'" . A   B 2 4  ? -1.695  -9.361  -3.052  1.00 21.94 ? 16 A   B "O5'" 1 
ATOM   322 C "C5'" . A   B 2 4  ? -1.556  -10.589 -2.355  1.00 22.79 ? 16 A   B "C5'" 1 
ATOM   323 C "C4'" . A   B 2 4  ? -0.243  -10.626 -1.596  1.00 21.20 ? 16 A   B "C4'" 1 
ATOM   324 O "O4'" . A   B 2 4  ? 0.890   -10.654 -2.511  1.00 20.77 ? 16 A   B "O4'" 1 
ATOM   325 C "C3'" . A   B 2 4  ? 0.059   -9.432  -0.723  1.00 20.53 ? 16 A   B "C3'" 1 
ATOM   326 O "O3'" . A   B 2 4  ? -0.670  -9.462  0.487   1.00 23.22 ? 16 A   B "O3'" 1 
ATOM   327 C "C2'" . A   B 2 4  ? 1.552   -9.615  -0.503  1.00 23.09 ? 16 A   B "C2'" 1 
ATOM   328 O "O2'" . A   B 2 4  ? 1.834   -10.697 0.368   1.00 24.58 ? 16 A   B "O2'" 1 
ATOM   329 C "C1'" . A   B 2 4  ? 1.997   -9.988  -1.917  1.00 21.70 ? 16 A   B "C1'" 1 
ATOM   330 N N9    . A   B 2 4  ? 2.305   -8.803  -2.725  1.00 21.69 ? 16 A   B N9    1 
ATOM   331 C C8    . A   B 2 4  ? 1.482   -8.194  -3.639  1.00 22.36 ? 16 A   B C8    1 
ATOM   332 N N7    . A   B 2 4  ? 2.023   -7.161  -4.234  1.00 23.18 ? 16 A   B N7    1 
ATOM   333 C C5    . A   B 2 4  ? 3.288   -7.071  -3.671  1.00 24.27 ? 16 A   B C5    1 
ATOM   334 C C6    . A   B 2 4  ? 4.367   -6.175  -3.881  1.00 25.80 ? 16 A   B C6    1 
ATOM   335 N N6    . A   B 2 4  ? 4.337   -5.151  -4.747  1.00 25.17 ? 16 A   B N6    1 
ATOM   336 N N1    . A   B 2 4  ? 5.486   -6.367  -3.157  1.00 24.28 ? 16 A   B N1    1 
ATOM   337 C C2    . A   B 2 4  ? 5.516   -7.380  -2.276  1.00 24.57 ? 16 A   B C2    1 
ATOM   338 N N3    . A   B 2 4  ? 4.578   -8.278  -1.988  1.00 23.70 ? 16 A   B N3    1 
ATOM   339 C C4    . A   B 2 4  ? 3.474   -8.072  -2.731  1.00 23.49 ? 16 A   B C4    1 
ATOM   340 P P     . C   B 2 5  ? -1.027  -8.086  1.229   1.00 23.86 ? 17 C   B P     1 
ATOM   341 O OP1   . C   B 2 5  ? -2.047  -8.358  2.248   1.00 24.06 ? 17 C   B OP1   1 
ATOM   342 O OP2   . C   B 2 5  ? -1.300  -7.057  0.185   1.00 22.92 ? 17 C   B OP2   1 
ATOM   343 O "O5'" . C   B 2 5  ? 0.330   -7.690  1.959   1.00 21.37 ? 17 C   B "O5'" 1 
ATOM   344 C "C5'" . C   B 2 5  ? 0.930   -8.547  2.909   1.00 25.12 ? 17 C   B "C5'" 1 
ATOM   345 C "C4'" . C   B 2 5  ? 2.327   -8.064  3.221   1.00 24.62 ? 17 C   B "C4'" 1 
ATOM   346 O "O4'" . C   B 2 5  ? 3.095   -8.028  1.983   1.00 24.94 ? 17 C   B "O4'" 1 
ATOM   347 C "C3'" . C   B 2 5  ? 2.425   -6.636  3.727   1.00 23.80 ? 17 C   B "C3'" 1 
ATOM   348 O "O3'" . C   B 2 5  ? 2.164   -6.549  5.121   1.00 22.13 ? 17 C   B "O3'" 1 
ATOM   349 C "C2'" . C   B 2 5  ? 3.861   -6.295  3.387   1.00 25.14 ? 17 C   B "C2'" 1 
ATOM   350 O "O2'" . C   B 2 5  ? 4.745   -6.948  4.268   1.00 25.90 ? 17 C   B "O2'" 1 
ATOM   351 C "C1'" . C   B 2 5  ? 3.990   -6.934  2.007   1.00 24.55 ? 17 C   B "C1'" 1 
ATOM   352 N N1    . C   B 2 5  ? 3.653   -6.026  0.893   1.00 25.45 ? 17 C   B N1    1 
ATOM   353 C C2    . C   B 2 5  ? 4.656   -5.188  0.391   1.00 23.85 ? 17 C   B C2    1 
ATOM   354 O O2    . C   B 2 5  ? 5.769   -5.201  0.940   1.00 21.94 ? 17 C   B O2    1 
ATOM   355 N N3    . C   B 2 5  ? 4.387   -4.391  -0.666  1.00 22.14 ? 17 C   B N3    1 
ATOM   356 C C4    . C   B 2 5  ? 3.169   -4.395  -1.211  1.00 23.35 ? 17 C   B C4    1 
ATOM   357 N N4    . C   B 2 5  ? 2.955   -3.601  -2.265  1.00 22.41 ? 17 C   B N4    1 
ATOM   358 C C5    . C   B 2 5  ? 2.117   -5.211  -0.701  1.00 20.87 ? 17 C   B C5    1 
ATOM   359 C C6    . C   B 2 5  ? 2.402   -6.001  0.346   1.00 23.42 ? 17 C   B C6    1 
ATOM   360 P P     . U   B 2 6  ? 1.720   -5.140  5.756   1.00 20.63 ? 18 U   B P     1 
ATOM   361 O OP1   . U   B 2 6  ? 1.407   -5.365  7.183   1.00 22.14 ? 18 U   B OP1   1 
ATOM   362 O OP2   . U   B 2 6  ? 0.710   -4.504  4.866   1.00 20.34 ? 18 U   B OP2   1 
ATOM   363 O "O5'" . U   B 2 6  ? 3.036   -4.242  5.661   1.00 20.74 ? 18 U   B "O5'" 1 
ATOM   364 C "C5'" . U   B 2 6  ? 4.232   -4.598  6.343   1.00 19.57 ? 18 U   B "C5'" 1 
ATOM   365 C "C4'" . U   B 2 6  ? 5.323   -3.608  6.009   1.00 21.35 ? 18 U   B "C4'" 1 
ATOM   366 O "O4'" . U   B 2 6  ? 5.720   -3.779  4.622   1.00 21.10 ? 18 U   B "O4'" 1 
ATOM   367 C "C3'" . U   B 2 6  ? 4.920   -2.143  6.089   1.00 20.06 ? 18 U   B "C3'" 1 
ATOM   368 O "O3'" . U   B 2 6  ? 5.009   -1.660  7.410   1.00 21.64 ? 18 U   B "O3'" 1 
ATOM   369 C "C2'" . U   B 2 6  ? 5.948   -1.490  5.179   1.00 22.89 ? 18 U   B "C2'" 1 
ATOM   370 O "O2'" . U   B 2 6  ? 7.229   -1.351  5.765   1.00 22.45 ? 18 U   B "O2'" 1 
ATOM   371 C "C1'" . U   B 2 6  ? 6.011   -2.511  4.050   1.00 22.17 ? 18 U   B "C1'" 1 
ATOM   372 N N1    . U   B 2 6  ? 5.005   -2.218  3.021   1.00 24.53 ? 18 U   B N1    1 
ATOM   373 C C2    . U   B 2 6  ? 5.318   -1.248  2.096   1.00 27.11 ? 18 U   B C2    1 
ATOM   374 O O2    . U   B 2 6  ? 6.344   -0.594  2.156   1.00 31.07 ? 18 U   B O2    1 
ATOM   375 N N3    . U   B 2 6  ? 4.381   -1.058  1.110   1.00 28.33 ? 18 U   B N3    1 
ATOM   376 C C4    . U   B 2 6  ? 3.170   -1.707  0.986   1.00 29.45 ? 18 U   B C4    1 
ATOM   377 O O4    . U   B 2 6  ? 2.454   -1.471  0.012   1.00 30.82 ? 18 U   B O4    1 
ATOM   378 C C5    . U   B 2 6  ? 2.895   -2.661  2.018   1.00 27.28 ? 18 U   B C5    1 
ATOM   379 C C6    . U   B 2 6  ? 3.801   -2.883  2.972   1.00 24.84 ? 18 U   B C6    1 
ATOM   380 P P     . A   B 2 7  ? 4.085   -0.444  7.873   1.00 23.02 ? 19 A   B P     1 
ATOM   381 O OP1   . A   B 2 7  ? 4.326   -0.363  9.336   1.00 24.59 ? 19 A   B OP1   1 
ATOM   382 O OP2   . A   B 2 7  ? 2.694   -0.641  7.365   1.00 22.53 ? 19 A   B OP2   1 
ATOM   383 O "O5'" . A   B 2 7  ? 4.693   0.816   7.112   1.00 17.99 ? 19 A   B "O5'" 1 
ATOM   384 C "C5'" . A   B 2 7  ? 6.026   1.240   7.350   1.00 20.13 ? 19 A   B "C5'" 1 
ATOM   385 C "C4'" . A   B 2 7  ? 6.361   2.434   6.481   1.00 18.51 ? 19 A   B "C4'" 1 
ATOM   386 O "O4'" . A   B 2 7  ? 6.494   2.004   5.106   1.00 20.18 ? 19 A   B "O4'" 1 
ATOM   387 C "C3'" . A   B 2 7  ? 5.294   3.508   6.403   1.00 18.28 ? 19 A   B "C3'" 1 
ATOM   388 O "O3'" . A   B 2 7  ? 5.363   4.354   7.525   1.00 20.87 ? 19 A   B "O3'" 1 
ATOM   389 C "C2'" . A   B 2 7  ? 5.676   4.224   5.123   1.00 18.91 ? 19 A   B "C2'" 1 
ATOM   390 O "O2'" . A   B 2 7  ? 6.809   5.047   5.308   1.00 17.01 ? 19 A   B "O2'" 1 
ATOM   391 C "C1'" . A   B 2 7  ? 6.043   3.038   4.241   1.00 19.91 ? 19 A   B "C1'" 1 
ATOM   392 N N9    . A   B 2 7  ? 4.920   2.527   3.463   1.00 20.17 ? 19 A   B N9    1 
ATOM   393 C C8    . A   B 2 7  ? 4.112   1.456   3.756   1.00 21.19 ? 19 A   B C8    1 
ATOM   394 N N7    . A   B 2 7  ? 3.209   1.208   2.839   1.00 22.09 ? 19 A   B N7    1 
ATOM   395 C C5    . A   B 2 7  ? 3.431   2.187   1.878   1.00 20.56 ? 19 A   B C5    1 
ATOM   396 C C6    . A   B 2 7  ? 2.820   2.461   0.640   1.00 23.05 ? 19 A   B C6    1 
ATOM   397 N N6    . A   B 2 7  ? 1.821   1.736   0.125   1.00 22.52 ? 19 A   B N6    1 
ATOM   398 N N1    . A   B 2 7  ? 3.281   3.520   -0.067  1.00 21.95 ? 19 A   B N1    1 
ATOM   399 C C2    . A   B 2 7  ? 4.282   4.244   0.446   1.00 21.48 ? 19 A   B C2    1 
ATOM   400 N N3    . A   B 2 7  ? 4.941   4.083   1.585   1.00 21.26 ? 19 A   B N3    1 
ATOM   401 C C4    . A   B 2 7  ? 4.468   3.020   2.260   1.00 22.53 ? 19 A   B C4    1 
ATOM   402 P P     . A   B 2 8  ? 4.070   5.177   7.973   1.00 23.74 ? 20 A   B P     1 
ATOM   403 O OP1   . A   B 2 8  ? 3.068   4.155   8.314   1.00 25.69 ? 20 A   B OP1   1 
ATOM   404 O OP2   . A   B 2 8  ? 3.724   6.216   6.961   1.00 24.06 ? 20 A   B OP2   1 
ATOM   405 O "O5'" . A   B 2 8  ? 4.545   5.858   9.330   1.00 23.34 ? 20 A   B "O5'" 1 
ATOM   406 C "C5'" . A   B 2 8  ? 4.371   7.240   9.581   1.00 19.28 ? 20 A   B "C5'" 1 
ATOM   407 C "C4'" . A   B 2 8  ? 5.552   7.764   10.350  1.00 20.69 ? 20 A   B "C4'" 1 
ATOM   408 O "O4'" . A   B 2 8  ? 5.936   6.755   11.320  1.00 22.50 ? 20 A   B "O4'" 1 
ATOM   409 C "C3'" . A   B 2 8  ? 6.821   7.944   9.530   1.00 21.49 ? 20 A   B "C3'" 1 
ATOM   410 O "O3'" . A   B 2 8  ? 6.833   9.201   8.875   1.00 20.06 ? 20 A   B "O3'" 1 
ATOM   411 C "C2'" . A   B 2 8  ? 7.918   7.868   10.586  1.00 22.05 ? 20 A   B "C2'" 1 
ATOM   412 O "O2'" . A   B 2 8  ? 8.124   9.080   11.274  1.00 20.52 ? 20 A   B "O2'" 1 
ATOM   413 C "C1'" . A   B 2 8  ? 7.341   6.824   11.544  1.00 23.22 ? 20 A   B "C1'" 1 
ATOM   414 N N9    . A   B 2 8  ? 7.932   5.494   11.372  1.00 23.70 ? 20 A   B N9    1 
ATOM   415 C C8    . A   B 2 8  ? 7.509   4.432   10.608  1.00 23.96 ? 20 A   B C8    1 
ATOM   416 N N7    . A   B 2 8  ? 8.287   3.375   10.696  1.00 25.20 ? 20 A   B N7    1 
ATOM   417 C C5    . A   B 2 8  ? 9.288   3.769   11.576  1.00 24.77 ? 20 A   B C5    1 
ATOM   418 C C6    . A   B 2 8  ? 10.420  3.105   12.094  1.00 23.97 ? 20 A   B C6    1 
ATOM   419 N N6    . A   B 2 8  ? 10.742  1.843   11.805  1.00 22.73 ? 20 A   B N6    1 
ATOM   420 N N1    . A   B 2 8  ? 11.222  3.798   12.938  1.00 23.82 ? 20 A   B N1    1 
ATOM   421 C C2    . A   B 2 8  ? 10.897  5.054   13.244  1.00 22.55 ? 20 A   B C2    1 
ATOM   422 N N3    . A   B 2 8  ? 9.861   5.777   12.836  1.00 24.60 ? 20 A   B N3    1 
ATOM   423 C C4    . A   B 2 8  ? 9.085   5.072   11.993  1.00 24.22 ? 20 A   B C4    1 
ATOM   424 P P     . C   B 2 9  ? 7.255   9.290   7.331   1.00 21.41 ? 21 C   B P     1 
ATOM   425 O OP1   . C   B 2 9  ? 8.518   8.526   7.151   1.00 19.63 ? 21 C   B OP1   1 
ATOM   426 O OP2   . C   B 2 9  ? 7.203   10.724  6.933   1.00 22.29 ? 21 C   B OP2   1 
ATOM   427 O "O5'" . C   B 2 9  ? 6.103   8.510   6.550   1.00 22.94 ? 21 C   B "O5'" 1 
ATOM   428 C "C5'" . C   B 2 9  ? 4.834   9.108   6.319   1.00 20.91 ? 21 C   B "C5'" 1 
ATOM   429 C "C4'" . C   B 2 9  ? 4.798   9.730   4.948   1.00 23.55 ? 21 C   B "C4'" 1 
ATOM   430 O "O4'" . C   B 2 9  ? 5.089   8.723   3.940   1.00 24.01 ? 21 C   B "O4'" 1 
ATOM   431 C "C3'" . C   B 2 9  ? 3.448   10.292  4.528   1.00 24.51 ? 21 C   B "C3'" 1 
ATOM   432 O "O3'" . C   B 2 9  ? 3.227   11.593  5.067   1.00 24.28 ? 21 C   B "O3'" 1 
ATOM   433 C "C2'" . C   B 2 9  ? 3.567   10.287  3.017   1.00 24.61 ? 21 C   B "C2'" 1 
ATOM   434 O "O2'" . C   B 2 9  ? 4.387   11.337  2.554   1.00 27.76 ? 21 C   B "O2'" 1 
ATOM   435 C "C1'" . C   B 2 9  ? 4.295   8.965   2.786   1.00 24.76 ? 21 C   B "C1'" 1 
ATOM   436 N N1    . C   B 2 9  ? 3.381   7.827   2.599   1.00 26.61 ? 21 C   B N1    1 
ATOM   437 C C2    . C   B 2 9  ? 2.700   7.701   1.380   1.00 29.39 ? 21 C   B C2    1 
ATOM   438 O O2    . C   B 2 9  ? 2.862   8.566   0.511   1.00 29.66 ? 21 C   B O2    1 
ATOM   439 N N3    . C   B 2 9  ? 1.882   6.640   1.184   1.00 29.25 ? 21 C   B N3    1 
ATOM   440 C C4    . C   B 2 9  ? 1.720   5.737   2.155   1.00 29.52 ? 21 C   B C4    1 
ATOM   441 N N4    . C   B 2 9  ? 0.908   4.700   1.918   1.00 28.74 ? 21 C   B N4    1 
ATOM   442 C C5    . C   B 2 9  ? 2.386   5.854   3.413   1.00 27.29 ? 21 C   B C5    1 
ATOM   443 C C6    . C   B 2 9  ? 3.200   6.899   3.586   1.00 25.75 ? 21 C   B C6    1 
ATOM   444 P P     . C   B 2 10 ? 1.834   11.918  5.801   1.00 26.95 ? 22 C   B P     1 
ATOM   445 O OP1   . C   B 2 10 ? 1.986   13.206  6.512   1.00 26.62 ? 22 C   B OP1   1 
ATOM   446 O OP2   . C   B 2 10 ? 1.424   10.713  6.561   1.00 26.32 ? 22 C   B OP2   1 
ATOM   447 O "O5'" . C   B 2 10 ? 0.834   12.129  4.582   1.00 26.91 ? 22 C   B "O5'" 1 
ATOM   448 C "C5'" . C   B 2 10 ? 1.141   13.100  3.596   1.00 26.97 ? 22 C   B "C5'" 1 
ATOM   449 C "C4'" . C   B 2 10 ? 0.305   12.897  2.366   1.00 26.71 ? 22 C   B "C4'" 1 
ATOM   450 O "O4'" . C   B 2 10 ? 0.708   11.678  1.690   1.00 27.60 ? 22 C   B "O4'" 1 
ATOM   451 C "C3'" . C   B 2 10 ? -1.183  12.709  2.570   1.00 26.35 ? 22 C   B "C3'" 1 
ATOM   452 O "O3'" . C   B 2 10 ? -1.863  13.926  2.875   1.00 26.00 ? 22 C   B "O3'" 1 
ATOM   453 C "C2'" . C   B 2 10 ? -1.568  12.095  1.235   1.00 26.99 ? 22 C   B "C2'" 1 
ATOM   454 O "O2'" . C   B 2 10 ? -1.534  13.044  0.195   1.00 26.15 ? 22 C   B "O2'" 1 
ATOM   455 C "C1'" . C   B 2 10 ? -0.416  11.108  1.035   1.00 25.96 ? 22 C   B "C1'" 1 
ATOM   456 N N1    . C   B 2 10 ? -0.695  9.795   1.644   1.00 26.62 ? 22 C   B N1    1 
ATOM   457 C C2    . C   B 2 10 ? -1.478  8.878   0.936   1.00 25.41 ? 22 C   B C2    1 
ATOM   458 O O2    . C   B 2 10 ? -1.916  9.206   -0.162  1.00 25.66 ? 22 C   B O2    1 
ATOM   459 N N3    . C   B 2 10 ? -1.748  7.673   1.484   1.00 26.52 ? 22 C   B N3    1 
ATOM   460 C C4    . C   B 2 10 ? -1.269  7.369   2.698   1.00 27.74 ? 22 C   B C4    1 
ATOM   461 N N4    . C   B 2 10 ? -1.547  6.163   3.195   1.00 29.38 ? 22 C   B N4    1 
ATOM   462 C C5    . C   B 2 10 ? -0.478  8.285   3.448   1.00 25.49 ? 22 C   B C5    1 
ATOM   463 C C6    . C   B 2 10 ? -0.211  9.475   2.885   1.00 26.67 ? 22 C   B C6    1 
ATOM   464 P P     . G   B 2 11 ? -3.130  13.898  3.879   1.00 26.95 ? 23 G   B P     1 
ATOM   465 O OP1   . G   B 2 11 ? -3.457  15.276  4.270   1.00 26.88 ? 23 G   B OP1   1 
ATOM   466 O OP2   . G   B 2 11 ? -2.919  12.882  4.929   1.00 26.44 ? 23 G   B OP2   1 
ATOM   467 O "O5'" . G   B 2 11 ? -4.312  13.350  2.967   1.00 24.73 ? 23 G   B "O5'" 1 
ATOM   468 C "C5'" . G   B 2 11 ? -4.653  14.003  1.765   1.00 24.50 ? 23 G   B "C5'" 1 
ATOM   469 C "C4'" . G   B 2 11 ? -5.576  13.136  0.956   1.00 23.69 ? 23 G   B "C4'" 1 
ATOM   470 O "O4'" . G   B 2 11 ? -4.864  11.949  0.510   1.00 24.76 ? 23 G   B "O4'" 1 
ATOM   471 C "C3'" . G   B 2 11 ? -6.749  12.544  1.712   1.00 21.53 ? 23 G   B "C3'" 1 
ATOM   472 O "O3'" . G   B 2 11 ? -7.813  13.452  1.922   1.00 22.47 ? 23 G   B "O3'" 1 
ATOM   473 C "C2'" . G   B 2 11 ? -7.158  11.419  0.782   1.00 23.07 ? 23 G   B "C2'" 1 
ATOM   474 O "O2'" . G   B 2 11 ? -7.850  11.911  -0.337  1.00 25.34 ? 23 G   B "O2'" 1 
ATOM   475 C "C1'" . G   B 2 11 ? -5.792  10.883  0.357   1.00 23.08 ? 23 G   B "C1'" 1 
ATOM   476 N N9    . G   B 2 11 ? -5.401  9.779   1.219   1.00 20.46 ? 23 G   B N9    1 
ATOM   477 C C8    . G   B 2 11 ? -4.497  9.792   2.245   1.00 21.88 ? 23 G   B C8    1 
ATOM   478 N N7    . G   B 2 11 ? -4.402  8.644   2.856   1.00 22.64 ? 23 G   B N7    1 
ATOM   479 C C5    . G   B 2 11 ? -5.294  7.817   2.183   1.00 21.81 ? 23 G   B C5    1 
ATOM   480 C C6    . G   B 2 11 ? -5.633  6.448   2.391   1.00 23.10 ? 23 G   B C6    1 
ATOM   481 O O6    . G   B 2 11 ? -5.207  5.666   3.253   1.00 20.82 ? 23 G   B O6    1 
ATOM   482 N N1    . G   B 2 11 ? -6.573  6.006   1.462   1.00 23.77 ? 23 G   B N1    1 
ATOM   483 C C2    . G   B 2 11 ? -7.134  6.782   0.469   1.00 23.00 ? 23 G   B C2    1 
ATOM   484 N N2    . G   B 2 11 ? -8.051  6.185   -0.314  1.00 20.19 ? 23 G   B N2    1 
ATOM   485 N N3    . G   B 2 11 ? -6.828  8.050   0.271   1.00 19.68 ? 23 G   B N3    1 
ATOM   486 C C4    . G   B 2 11 ? -5.907  8.498   1.160   1.00 22.50 ? 23 G   B C4    1 
ATOM   487 P P     . C   B 2 12 ? -8.837  13.192  3.138   1.00 22.86 ? 24 C   B P     1 
ATOM   488 O OP1   . C   B 2 12 ? -9.682  14.392  3.287   1.00 23.80 ? 24 C   B OP1   1 
ATOM   489 O OP2   . C   B 2 12 ? -8.062  12.709  4.296   1.00 23.80 ? 24 C   B OP2   1 
ATOM   490 O "O5'" . C   B 2 12 ? -9.718  11.968  2.613   1.00 23.01 ? 24 C   B "O5'" 1 
ATOM   491 C "C5'" . C   B 2 12 ? -10.362 12.022  1.348   1.00 24.79 ? 24 C   B "C5'" 1 
ATOM   492 C "C4'" . C   B 2 12 ? -11.072 10.721  1.069   1.00 27.19 ? 24 C   B "C4'" 1 
ATOM   493 O "O4'" . C   B 2 12 ? -10.096 9.667   0.902   1.00 28.12 ? 24 C   B "O4'" 1 
ATOM   494 C "C3'" . C   B 2 12 ? -11.953 10.215  2.198   1.00 28.10 ? 24 C   B "C3'" 1 
ATOM   495 O "O3'" . C   B 2 12 ? -13.236 10.819  2.168   1.00 26.73 ? 24 C   B "O3'" 1 
ATOM   496 C "C2'" . C   B 2 12 ? -12.044 8.733   1.893   1.00 28.27 ? 24 C   B "C2'" 1 
ATOM   497 O "O2'" . C   B 2 12 ? -13.023 8.455   0.919   1.00 29.43 ? 24 C   B "O2'" 1 
ATOM   498 C "C1'" . C   B 2 12 ? -10.636 8.447   1.369   1.00 26.87 ? 24 C   B "C1'" 1 
ATOM   499 N N1    . C   B 2 12 ? -9.771  7.925   2.431   1.00 27.97 ? 24 C   B N1    1 
ATOM   500 C C2    . C   B 2 12 ? -9.927  6.585   2.797   1.00 27.70 ? 24 C   B C2    1 
ATOM   501 O O2    . C   B 2 12 ? -10.780 5.901   2.208   1.00 24.48 ? 24 C   B O2    1 
ATOM   502 N N3    . C   B 2 12 ? -9.156  6.072   3.781   1.00 26.87 ? 24 C   B N3    1 
ATOM   503 C C4    . C   B 2 12 ? -8.274  6.847   4.408   1.00 27.91 ? 24 C   B C4    1 
ATOM   504 N N4    . C   B 2 12 ? -7.570  6.299   5.399   1.00 27.41 ? 24 C   B N4    1 
ATOM   505 C C5    . C   B 2 12 ? -8.086  8.221   4.052   1.00 28.09 ? 24 C   B C5    1 
ATOM   506 C C6    . C   B 2 12 ? -8.846  8.713   3.064   1.00 27.20 ? 24 C   B C6    1 
ATOM   507 P P     . G   B 2 13 ? -14.125 10.854  3.501   1.00 26.51 ? 25 G   B P     1 
ATOM   508 O OP1   . G   B 2 13 ? -15.366 11.566  3.134   1.00 27.82 ? 25 G   B OP1   1 
ATOM   509 O OP2   . G   B 2 13 ? -13.317 11.327  4.639   1.00 25.76 ? 25 G   B OP2   1 
ATOM   510 O "O5'" . G   B 2 13 ? -14.452 9.324   3.793   1.00 26.60 ? 25 G   B "O5'" 1 
ATOM   511 C "C5'" . G   B 2 13 ? -15.286 8.562   2.924   1.00 24.53 ? 25 G   B "C5'" 1 
ATOM   512 C "C4'" . G   B 2 13 ? -15.435 7.143   3.443   1.00 24.12 ? 25 G   B "C4'" 1 
ATOM   513 O "O4'" . G   B 2 13 ? -14.164 6.444   3.387   1.00 24.90 ? 25 G   B "O4'" 1 
ATOM   514 C "C3'" . G   B 2 13 ? -15.846 6.986   4.896   1.00 25.16 ? 25 G   B "C3'" 1 
ATOM   515 O "O3'" . G   B 2 13 ? -17.239 7.184   5.096   1.00 28.44 ? 25 G   B "O3'" 1 
ATOM   516 C "C2'" . G   B 2 13 ? -15.442 5.547   5.184   1.00 25.01 ? 25 G   B "C2'" 1 
ATOM   517 O "O2'" . G   B 2 13 ? -16.373 4.623   4.647   1.00 23.98 ? 25 G   B "O2'" 1 
ATOM   518 C "C1'" . G   B 2 13 ? -14.135 5.443   4.392   1.00 24.57 ? 25 G   B "C1'" 1 
ATOM   519 N N9    . G   B 2 13 ? -12.933 5.611   5.207   1.00 23.02 ? 25 G   B N9    1 
ATOM   520 C C8    . G   B 2 13 ? -12.223 6.764   5.424   1.00 25.16 ? 25 G   B C8    1 
ATOM   521 N N7    . G   B 2 13 ? -11.211 6.600   6.230   1.00 23.59 ? 25 G   B N7    1 
ATOM   522 C C5    . G   B 2 13 ? -11.248 5.253   6.555   1.00 24.28 ? 25 G   B C5    1 
ATOM   523 C C6    . G   B 2 13 ? -10.392 4.479   7.387   1.00 25.52 ? 25 G   B C6    1 
ATOM   524 O O6    . G   B 2 13 ? -9.398  4.847   8.035   1.00 25.88 ? 25 G   B O6    1 
ATOM   525 N N1    . G   B 2 13 ? -10.789 3.145   7.424   1.00 24.48 ? 25 G   B N1    1 
ATOM   526 C C2    . G   B 2 13 ? -11.868 2.621   6.752   1.00 24.87 ? 25 G   B C2    1 
ATOM   527 N N2    . G   B 2 13 ? -12.091 1.307   6.915   1.00 24.85 ? 25 G   B N2    1 
ATOM   528 N N3    . G   B 2 13 ? -12.666 3.329   5.982   1.00 23.80 ? 25 G   B N3    1 
ATOM   529 C C4    . G   B 2 13 ? -12.301 4.628   5.927   1.00 24.15 ? 25 G   B C4    1 
HETATM 530 S S     . SO4 C 3 .  ? -16.254 -1.406  10.848  1.00 88.75 ? 13 SO4 A S     1 
HETATM 531 O O1    . SO4 C 3 .  ? -15.341 -1.551  9.640   1.00 88.22 ? 13 SO4 A O1    1 
HETATM 532 O O2    . SO4 C 3 .  ? -15.902 -0.029  11.386  1.00 88.36 ? 13 SO4 A O2    1 
HETATM 533 O O3    . SO4 C 3 .  ? -17.611 -1.422  10.419  1.00 88.94 ? 13 SO4 A O3    1 
HETATM 534 O O4    . SO4 C 3 .  ? -15.906 -2.392  11.813  1.00 88.64 ? 13 SO4 A O4    1 
HETATM 535 O O     . HOH D 4 .  ? -11.992 -5.663  1.071   1.00 19.58 ? 14 HOH A O     1 
HETATM 536 O O     . HOH D 4 .  ? -3.696  -0.586  9.454   1.00 22.40 ? 15 HOH A O     1 
HETATM 537 O O     . HOH D 4 .  ? 7.024   -3.841  -7.901  1.00 29.28 ? 16 HOH A O     1 
HETATM 538 O O     . HOH D 4 .  ? -3.865  0.921   0.864   1.00 30.51 ? 17 HOH A O     1 
HETATM 539 O O     . HOH D 4 .  ? 4.530   -2.261  -5.710  1.00 27.39 ? 18 HOH A O     1 
HETATM 540 O O     . HOH D 4 .  ? -8.076  4.047   -8.011  1.00 45.49 ? 19 HOH A O     1 
HETATM 541 O O     . HOH D 4 .  ? -1.453  2.174   -0.324  1.00 17.95 ? 20 HOH A O     1 
HETATM 542 O O     . HOH D 4 .  ? 11.940  -15.422 -8.063  1.00 26.27 ? 21 HOH A O     1 
HETATM 543 O O     . HOH D 4 .  ? 15.421  0.770   -6.035  1.00 32.46 ? 22 HOH A O     1 
HETATM 544 O O     . HOH D 4 .  ? -7.240  -7.806  5.112   0.50 1.00  ? 23 HOH A O     1 
HETATM 545 O O     . HOH D 4 .  ? -4.582  3.741   10.729  1.00 23.39 ? 24 HOH A O     1 
HETATM 546 O O     . HOH D 4 .  ? -13.197 2.111   0.922   1.00 37.61 ? 25 HOH A O     1 
HETATM 547 O O     . HOH D 4 .  ? -0.646  0.413   -2.384  1.00 53.29 ? 26 HOH A O     1 
HETATM 548 O O     . HOH D 4 .  ? 0.635   -0.553  -5.187  1.00 38.03 ? 27 HOH A O     1 
HETATM 549 O O     . HOH D 4 .  ? 9.458   -17.613 -4.769  1.00 15.54 ? 28 HOH A O     1 
HETATM 550 O O     . HOH D 4 .  ? 12.008  -13.173 -0.545  1.00 20.24 ? 29 HOH A O     1 
HETATM 551 O O     . HOH D 4 .  ? -6.204  -2.053  3.770   1.00 53.88 ? 30 HOH A O     1 
HETATM 552 O O     . HOH D 4 .  ? 10.991  -1.683  1.523   1.00 24.51 ? 31 HOH A O     1 
HETATM 553 O O     . HOH D 4 .  ? -4.364  0.305   4.362   1.00 30.74 ? 32 HOH A O     1 
HETATM 554 O O     . HOH D 4 .  ? 2.715   1.424   -5.430  1.00 38.22 ? 33 HOH A O     1 
HETATM 555 O O     . HOH D 4 .  ? -1.265  3.146   -6.582  1.00 35.87 ? 34 HOH A O     1 
HETATM 556 O O     . HOH D 4 .  ? 0.649   10.264  -5.459  1.00 33.59 ? 35 HOH A O     1 
HETATM 557 O O     . HOH D 4 .  ? -5.831  -9.653  7.067   1.00 27.90 ? 36 HOH A O     1 
HETATM 558 O O     . HOH D 4 .  ? -14.937 -5.004  9.683   1.00 24.42 ? 37 HOH A O     1 
HETATM 559 O O     . HOH D 4 .  ? 11.174  -7.823  1.204   1.00 43.07 ? 38 HOH A O     1 
HETATM 560 O O     . HOH D 4 .  ? 10.196  -7.164  -9.170  1.00 51.76 ? 39 HOH A O     1 
HETATM 561 O O     . HOH D 4 .  ? -12.901 -2.613  8.389   1.00 35.47 ? 40 HOH A O     1 
HETATM 562 O O     . HOH D 4 .  ? -3.449  -0.177  -2.042  1.00 38.08 ? 41 HOH A O     1 
HETATM 563 O O     . HOH D 4 .  ? 9.710   -3.772  2.838   1.00 32.45 ? 42 HOH A O     1 
HETATM 564 O O     . HOH D 4 .  ? -5.335  -1.725  0.033   1.00 34.68 ? 43 HOH A O     1 
HETATM 565 O O     . HOH D 4 .  ? -5.478  -0.427  7.143   1.00 18.90 ? 44 HOH A O     1 
HETATM 566 O O     . HOH D 4 .  ? -7.410  -7.578  1.773   1.00 28.10 ? 45 HOH A O     1 
HETATM 567 O O     . HOH D 4 .  ? -2.230  2.165   2.596   1.00 35.96 ? 46 HOH A O     1 
HETATM 568 O O     . HOH D 4 .  ? 4.602   8.703   -1.950  1.00 42.99 ? 47 HOH A O     1 
HETATM 569 O O     . HOH D 4 .  ? 10.804  -0.838  -6.490  1.00 36.34 ? 48 HOH A O     1 
HETATM 570 O O     . HOH D 4 .  ? -2.891  -2.457  7.772   1.00 25.02 ? 50 HOH A O     1 
HETATM 571 O O     . HOH D 4 .  ? 8.545   2.756   0.633   1.00 44.63 ? 51 HOH A O     1 
HETATM 572 O O     . HOH D 4 .  ? 17.372  -3.152  -3.980  1.00 38.70 ? 52 HOH A O     1 
HETATM 573 O O     . HOH D 4 .  ? -4.874  -5.279  1.950   1.00 25.72 ? 53 HOH A O     1 
HETATM 574 O O     . HOH E 4 .  ? -0.825  -9.626  6.667   1.00 36.28 ? 49 HOH B O     1 
HETATM 575 O O     . HOH E 4 .  ? -4.603  -2.046  -15.112 1.00 31.34 ? 50 HOH B O     1 
HETATM 576 O O     . HOH E 4 .  ? -2.633  -8.838  4.604   1.00 9.06  ? 51 HOH B O     1 
HETATM 577 O O     . HOH E 4 .  ? -4.027  5.552   5.575   1.00 21.91 ? 52 HOH B O     1 
HETATM 578 O O     . HOH E 4 .  ? -4.611  -4.574  -2.244  1.00 20.23 ? 53 HOH B O     1 
HETATM 579 O O     . HOH E 4 .  ? 1.291   -13.428 -3.834  1.00 8.06  ? 54 HOH B O     1 
HETATM 580 O O     . HOH E 4 .  ? 4.392   7.528   13.749  1.00 47.71 ? 55 HOH B O     1 
HETATM 581 O O     . HOH E 4 .  ? 4.155   13.325  8.268   1.00 34.63 ? 56 HOH B O     1 
HETATM 582 O O     . HOH E 4 .  ? -5.853  7.532   11.716  1.00 36.93 ? 57 HOH B O     1 
HETATM 583 O O     . HOH E 4 .  ? 8.505   5.678   7.513   1.00 14.79 ? 58 HOH B O     1 
HETATM 584 O O     . HOH E 4 .  ? 7.264   6.864   3.492   1.00 36.35 ? 59 HOH B O     1 
HETATM 585 O O     . HOH E 4 .  ? 6.597   -5.051  -10.248 1.00 16.56 ? 60 HOH B O     1 
HETATM 586 O O     . HOH E 4 .  ? -0.892  -4.588  1.474   1.00 43.49 ? 61 HOH B O     1 
HETATM 587 O O     . HOH E 4 .  ? -11.874 4.891   -0.432  1.00 31.15 ? 62 HOH B O     1 
HETATM 588 O O     . HOH E 4 .  ? 0.231   0.264   1.740   1.00 19.91 ? 63 HOH B O     1 
HETATM 589 O O     . HOH E 4 .  ? 3.276   -13.262 -5.344  1.00 19.82 ? 64 HOH B O     1 
HETATM 590 O O     . HOH E 4 .  ? 6.132   13.286  6.942   1.00 26.80 ? 65 HOH B O     1 
HETATM 591 O O     . HOH E 4 .  ? -2.237  -8.412  -17.240 1.00 22.50 ? 66 HOH B O     1 
HETATM 592 O O     . HOH E 4 .  ? -0.544  -5.012  -9.676  1.00 25.53 ? 67 HOH B O     1 
HETATM 593 O O     . HOH E 4 .  ? -1.827  -5.955  -6.780  1.00 12.78 ? 68 HOH B O     1 
HETATM 594 O O     . HOH E 4 .  ? -1.083  5.857   5.865   1.00 27.32 ? 69 HOH B O     1 
HETATM 595 O O     . HOH E 4 .  ? 8.003   -2.293  7.943   1.00 33.70 ? 70 HOH B O     1 
HETATM 596 O O     . HOH E 4 .  ? -9.316  8.513   7.293   1.00 32.14 ? 71 HOH B O     1 
HETATM 597 O O     . HOH E 4 .  ? -1.561  -5.999  -2.453  1.00 45.81 ? 72 HOH B O     1 
HETATM 598 O O     . HOH E 4 .  ? 7.530   -6.069  -12.466 1.00 24.09 ? 73 HOH B O     1 
HETATM 599 O O     . HOH E 4 .  ? 8.236   -6.653  1.279   1.00 21.36 ? 74 HOH B O     1 
HETATM 600 O O     . HOH E 4 .  ? -7.291  6.531   8.708   1.00 19.66 ? 75 HOH B O     1 
HETATM 601 O O     . HOH E 4 .  ? -0.349  -1.486  -0.713  1.00 23.97 ? 76 HOH B O     1 
HETATM 602 O O     . HOH E 4 .  ? 0.888   7.676   6.522   1.00 32.82 ? 77 HOH B O     1 
HETATM 603 O O     . HOH E 4 .  ? -3.488  8.625   5.665   1.00 12.46 ? 78 HOH B O     1 
HETATM 604 O O     . HOH E 4 .  ? -1.647  10.280  6.228   1.00 18.91 ? 79 HOH B O     1 
HETATM 605 O O     . HOH E 4 .  ? 8.255   0.426   10.006  1.00 35.42 ? 80 HOH B O     1 
HETATM 606 O O     . HOH E 4 .  ? -18.350 5.225   5.813   1.00 26.77 ? 81 HOH B O     1 
HETATM 607 O O     . HOH E 4 .  ? 0.273   -10.129 -16.173 1.00 27.97 ? 82 HOH B O     1 
HETATM 608 O O     . HOH E 4 .  ? -5.019  -10.556 -11.911 1.00 26.60 ? 83 HOH B O     1 
HETATM 609 O O     . HOH E 4 .  ? 0.504   -4.836  -5.170  1.00 37.66 ? 84 HOH B O     1 
HETATM 610 O O     . HOH E 4 .  ? 0.169   -3.232  -3.215  1.00 37.01 ? 85 HOH B O     1 
HETATM 611 O O     . HOH E 4 .  ? 7.098   4.676   14.569  1.00 41.52 ? 86 HOH B O     1 
HETATM 612 O O     . HOH E 4 .  ? -4.468  -8.873  0.690   1.00 30.48 ? 87 HOH B O     1 
HETATM 613 O O     . HOH E 4 .  ? 1.001   -0.799  4.438   1.00 30.35 ? 88 HOH B O     1 
HETATM 614 O O     . HOH E 4 .  ? 5.230   -9.871  5.366   1.00 38.75 ? 89 HOH B O     1 
HETATM 615 O O     . HOH E 4 .  ? 0.046   3.001   4.294   1.00 36.96 ? 90 HOH B O     1 
# 
